data_2EN9
#
_entry.id   2EN9
#
loop_
_entity.id
_entity.type
_entity.pdbx_description
1 polymer 'Zinc finger protein 28 homolog'
2 non-polymer 'ZINC ION'
#
_entity_poly.entity_id   1
_entity_poly.type   'polypeptide(L)'
_entity_poly.pdbx_seq_one_letter_code
;GSSGSSGAGKKLFKCNECKKTFTQSSSLTVHQRIHTGEKPSGPSSG
;
_entity_poly.pdbx_strand_id   A
#
# COMPACT_ATOMS: atom_id res chain seq x y z
N GLY A 1 -18.87 0.77 10.95
CA GLY A 1 -18.31 0.35 12.21
C GLY A 1 -16.84 0.71 12.35
N SER A 2 -16.56 1.72 13.16
CA SER A 2 -15.19 2.16 13.38
C SER A 2 -14.59 1.51 14.62
N SER A 3 -13.80 0.46 14.41
CA SER A 3 -13.17 -0.25 15.50
C SER A 3 -11.66 -0.05 15.49
N GLY A 4 -11.23 1.17 15.23
CA GLY A 4 -9.82 1.47 15.19
C GLY A 4 -9.09 1.01 16.43
N SER A 5 -8.35 -0.09 16.31
CA SER A 5 -7.60 -0.64 17.43
C SER A 5 -6.10 -0.54 17.18
N SER A 6 -5.68 -0.85 15.96
CA SER A 6 -4.27 -0.81 15.60
C SER A 6 -3.88 0.59 15.12
N GLY A 7 -4.56 1.07 14.09
CA GLY A 7 -4.27 2.39 13.55
C GLY A 7 -5.51 3.09 13.05
N ALA A 8 -5.59 3.27 11.73
CA ALA A 8 -6.73 3.93 11.11
C ALA A 8 -6.73 5.42 11.43
N GLY A 9 -5.56 6.03 11.39
CA GLY A 9 -5.45 7.45 11.69
C GLY A 9 -4.16 8.05 11.16
N LYS A 10 -4.06 9.37 11.19
CA LYS A 10 -2.88 10.07 10.72
C LYS A 10 -2.31 9.41 9.47
N LYS A 11 -3.19 9.01 8.57
CA LYS A 11 -2.78 8.36 7.32
C LYS A 11 -2.79 9.35 6.16
N LEU A 12 -1.79 9.26 5.30
CA LEU A 12 -1.69 10.14 4.14
C LEU A 12 -1.50 9.33 2.86
N PHE A 13 -0.84 8.19 2.97
CA PHE A 13 -0.61 7.32 1.82
C PHE A 13 -0.92 5.87 2.16
N LYS A 14 -1.69 5.21 1.29
CA LYS A 14 -2.05 3.82 1.49
C LYS A 14 -1.95 3.04 0.19
N CYS A 15 -1.35 1.85 0.26
CA CYS A 15 -1.18 1.00 -0.91
C CYS A 15 -2.45 0.19 -1.18
N ASN A 16 -3.01 0.37 -2.37
CA ASN A 16 -4.23 -0.35 -2.75
C ASN A 16 -3.90 -1.74 -3.28
N GLU A 17 -2.85 -2.35 -2.72
CA GLU A 17 -2.43 -3.69 -3.14
C GLU A 17 -2.20 -4.58 -1.92
N CYS A 18 -1.60 -4.02 -0.88
CA CYS A 18 -1.31 -4.77 0.33
C CYS A 18 -1.73 -3.97 1.57
N LYS A 19 -2.59 -2.98 1.36
CA LYS A 19 -3.07 -2.16 2.46
C LYS A 19 -1.94 -1.80 3.41
N LYS A 20 -0.86 -1.25 2.86
CA LYS A 20 0.30 -0.85 3.66
C LYS A 20 0.42 0.66 3.73
N THR A 21 1.16 1.14 4.72
CA THR A 21 1.36 2.57 4.91
C THR A 21 2.82 2.89 5.25
N PHE A 22 3.23 4.12 4.96
CA PHE A 22 4.60 4.54 5.24
C PHE A 22 4.63 5.97 5.78
N THR A 23 5.20 6.13 6.96
CA THR A 23 5.29 7.45 7.60
C THR A 23 5.49 8.54 6.55
N GLN A 24 6.23 8.21 5.50
CA GLN A 24 6.50 9.17 4.44
C GLN A 24 6.17 8.57 3.07
N SER A 25 6.12 9.43 2.05
CA SER A 25 5.81 8.99 0.70
C SER A 25 6.97 8.23 0.09
N SER A 26 8.14 8.87 0.08
CA SER A 26 9.35 8.25 -0.47
C SER A 26 9.44 6.78 -0.08
N SER A 27 9.19 6.49 1.19
CA SER A 27 9.24 5.13 1.70
C SER A 27 8.24 4.24 0.96
N LEU A 28 7.02 4.74 0.80
CA LEU A 28 5.97 3.99 0.11
C LEU A 28 6.31 3.80 -1.36
N THR A 29 6.81 4.86 -2.00
CA THR A 29 7.18 4.81 -3.40
C THR A 29 8.06 3.60 -3.70
N VAL A 30 9.21 3.54 -3.02
CA VAL A 30 10.15 2.43 -3.21
C VAL A 30 9.46 1.09 -2.97
N HIS A 31 8.36 1.12 -2.23
CA HIS A 31 7.62 -0.10 -1.93
C HIS A 31 6.64 -0.43 -3.05
N GLN A 32 6.20 0.59 -3.78
CA GLN A 32 5.26 0.42 -4.88
C GLN A 32 5.91 -0.34 -6.02
N ARG A 33 7.16 -0.02 -6.31
CA ARG A 33 7.89 -0.67 -7.39
C ARG A 33 7.65 -2.18 -7.36
N ILE A 34 7.71 -2.77 -6.17
CA ILE A 34 7.50 -4.20 -6.02
C ILE A 34 6.20 -4.65 -6.67
N HIS A 35 5.11 -3.98 -6.31
CA HIS A 35 3.80 -4.31 -6.87
C HIS A 35 3.73 -3.92 -8.35
N THR A 36 4.44 -2.87 -8.72
CA THR A 36 4.46 -2.40 -10.10
C THR A 36 5.73 -2.85 -10.81
N GLY A 37 6.19 -4.05 -10.50
CA GLY A 37 7.39 -4.58 -11.12
C GLY A 37 7.59 -6.06 -10.85
N GLU A 38 6.50 -6.75 -10.51
CA GLU A 38 6.56 -8.17 -10.23
C GLU A 38 5.99 -8.99 -11.38
N LYS A 39 6.40 -10.25 -11.47
CA LYS A 39 5.93 -11.13 -12.54
C LYS A 39 4.46 -10.88 -12.83
N PRO A 40 4.08 -11.05 -14.11
CA PRO A 40 2.71 -10.84 -14.56
C PRO A 40 1.76 -11.92 -14.04
N SER A 41 1.17 -11.67 -12.87
CA SER A 41 0.25 -12.62 -12.27
C SER A 41 -1.19 -12.30 -12.64
N GLY A 42 -1.53 -11.01 -12.61
CA GLY A 42 -2.87 -10.59 -12.96
C GLY A 42 -2.92 -9.18 -13.52
N PRO A 43 -3.98 -8.87 -14.27
CA PRO A 43 -4.16 -7.55 -14.88
C PRO A 43 -4.46 -6.47 -13.85
N SER A 44 -3.40 -5.87 -13.32
CA SER A 44 -3.54 -4.81 -12.31
C SER A 44 -4.44 -3.70 -12.83
N SER A 45 -4.01 -3.05 -13.91
CA SER A 45 -4.77 -1.95 -14.50
C SER A 45 -5.05 -0.87 -13.47
N GLY A 46 -4.04 -0.55 -12.67
CA GLY A 46 -4.21 0.47 -11.64
C GLY A 46 -4.29 1.86 -12.22
N GLY A 1 -12.45 -6.47 0.09
CA GLY A 1 -11.93 -5.78 1.26
C GLY A 1 -13.03 -5.13 2.07
N SER A 2 -13.28 -3.85 1.80
CA SER A 2 -14.31 -3.10 2.53
C SER A 2 -14.50 -1.72 1.92
N SER A 3 -15.67 -1.14 2.17
CA SER A 3 -15.98 0.19 1.64
C SER A 3 -15.26 1.27 2.44
N GLY A 4 -14.80 2.31 1.73
CA GLY A 4 -14.09 3.39 2.39
C GLY A 4 -14.94 4.64 2.50
N SER A 5 -14.45 5.63 3.24
CA SER A 5 -15.16 6.88 3.43
C SER A 5 -14.20 8.02 3.73
N SER A 6 -14.65 9.25 3.51
CA SER A 6 -13.83 10.43 3.75
C SER A 6 -14.43 11.29 4.85
N GLY A 7 -13.93 11.11 6.08
CA GLY A 7 -14.44 11.89 7.19
C GLY A 7 -13.57 11.73 8.43
N ALA A 8 -13.16 10.51 8.71
CA ALA A 8 -12.32 10.22 9.87
C ALA A 8 -11.04 9.50 9.47
N GLY A 9 -10.08 10.25 8.93
CA GLY A 9 -8.82 9.66 8.51
C GLY A 9 -7.64 10.57 8.78
N LYS A 10 -6.49 9.97 9.09
CA LYS A 10 -5.28 10.73 9.37
C LYS A 10 -4.16 10.33 8.41
N LYS A 11 -4.09 9.05 8.10
CA LYS A 11 -3.07 8.54 7.19
C LYS A 11 -2.82 9.51 6.04
N LEU A 12 -1.67 9.37 5.39
CA LEU A 12 -1.33 10.23 4.27
C LEU A 12 -0.87 9.41 3.06
N PHE A 13 -0.23 8.28 3.34
CA PHE A 13 0.26 7.40 2.29
C PHE A 13 -0.09 5.95 2.58
N LYS A 14 -0.96 5.38 1.77
CA LYS A 14 -1.39 3.98 1.94
C LYS A 14 -1.32 3.23 0.62
N CYS A 15 -1.06 1.93 0.70
CA CYS A 15 -0.97 1.10 -0.50
C CYS A 15 -2.27 0.32 -0.71
N ASN A 16 -2.91 0.54 -1.85
CA ASN A 16 -4.15 -0.15 -2.18
C ASN A 16 -3.89 -1.52 -2.78
N GLU A 17 -2.73 -2.08 -2.46
CA GLU A 17 -2.35 -3.39 -2.98
C GLU A 17 -2.14 -4.39 -1.84
N CYS A 18 -1.42 -3.95 -0.80
CA CYS A 18 -1.15 -4.80 0.35
C CYS A 18 -1.53 -4.09 1.65
N LYS A 19 -2.35 -3.07 1.53
CA LYS A 19 -2.80 -2.30 2.70
C LYS A 19 -1.62 -1.99 3.61
N LYS A 20 -0.59 -1.37 3.06
CA LYS A 20 0.60 -1.00 3.83
C LYS A 20 0.81 0.50 3.84
N THR A 21 1.49 1.01 4.87
CA THR A 21 1.76 2.42 4.99
C THR A 21 3.18 2.68 5.48
N PHE A 22 3.64 3.91 5.34
CA PHE A 22 4.99 4.28 5.76
C PHE A 22 5.03 5.73 6.26
N THR A 23 5.64 5.93 7.42
CA THR A 23 5.74 7.26 8.00
C THR A 23 5.87 8.33 6.92
N GLN A 24 6.62 8.01 5.87
CA GLN A 24 6.83 8.94 4.76
C GLN A 24 6.26 8.38 3.47
N SER A 25 6.31 9.18 2.41
CA SER A 25 5.80 8.76 1.11
C SER A 25 6.85 8.00 0.32
N SER A 26 8.06 8.54 0.27
CA SER A 26 9.17 7.92 -0.45
C SER A 26 9.17 6.41 -0.21
N SER A 27 8.95 6.01 1.04
CA SER A 27 8.94 4.60 1.41
C SER A 27 7.87 3.85 0.62
N LEU A 28 6.70 4.47 0.48
CA LEU A 28 5.59 3.85 -0.25
C LEU A 28 5.94 3.71 -1.74
N THR A 29 6.43 4.79 -2.33
CA THR A 29 6.80 4.79 -3.74
C THR A 29 7.76 3.66 -4.05
N VAL A 30 8.92 3.67 -3.40
CA VAL A 30 9.93 2.64 -3.60
C VAL A 30 9.37 1.26 -3.31
N HIS A 31 8.34 1.20 -2.48
CA HIS A 31 7.71 -0.06 -2.12
C HIS A 31 6.67 -0.47 -3.16
N GLN A 32 6.11 0.51 -3.84
CA GLN A 32 5.10 0.25 -4.87
C GLN A 32 5.75 -0.35 -6.11
N ARG A 33 6.90 0.17 -6.49
CA ARG A 33 7.62 -0.32 -7.67
C ARG A 33 7.65 -1.84 -7.69
N ILE A 34 7.46 -2.46 -6.53
CA ILE A 34 7.46 -3.91 -6.42
C ILE A 34 6.20 -4.51 -7.04
N HIS A 35 5.05 -3.92 -6.72
CA HIS A 35 3.77 -4.39 -7.23
C HIS A 35 3.68 -4.16 -8.73
N THR A 36 4.23 -3.02 -9.19
CA THR A 36 4.20 -2.68 -10.61
C THR A 36 5.08 -3.62 -11.41
N GLY A 37 6.27 -3.92 -10.89
CA GLY A 37 7.18 -4.80 -11.58
C GLY A 37 6.78 -6.26 -11.47
N GLU A 38 6.26 -6.65 -10.30
CA GLU A 38 5.83 -8.02 -10.07
C GLU A 38 4.53 -8.31 -10.82
N LYS A 39 4.06 -9.55 -10.71
CA LYS A 39 2.83 -9.97 -11.37
C LYS A 39 1.69 -10.09 -10.36
N PRO A 40 0.45 -9.91 -10.85
CA PRO A 40 -0.75 -10.00 -10.01
C PRO A 40 -1.03 -11.43 -9.55
N SER A 41 -0.68 -11.72 -8.31
CA SER A 41 -0.89 -13.05 -7.74
C SER A 41 -1.67 -12.97 -6.44
N GLY A 42 -2.96 -13.27 -6.51
CA GLY A 42 -3.80 -13.23 -5.32
C GLY A 42 -5.23 -12.83 -5.64
N PRO A 43 -6.04 -12.66 -4.59
CA PRO A 43 -7.45 -12.28 -4.74
C PRO A 43 -7.61 -10.83 -5.21
N SER A 44 -7.47 -10.63 -6.51
CA SER A 44 -7.60 -9.29 -7.09
C SER A 44 -9.05 -8.82 -7.05
N SER A 45 -9.26 -7.57 -7.43
CA SER A 45 -10.60 -6.99 -7.44
C SER A 45 -11.30 -7.25 -6.11
N GLY A 46 -10.58 -7.10 -5.02
CA GLY A 46 -11.16 -7.33 -3.70
C GLY A 46 -10.49 -6.49 -2.62
N GLY A 1 -15.21 13.03 26.55
CA GLY A 1 -14.04 13.42 25.78
C GLY A 1 -13.89 12.61 24.51
N SER A 2 -13.55 13.28 23.42
CA SER A 2 -13.37 12.61 22.13
C SER A 2 -11.99 12.90 21.55
N SER A 3 -11.04 12.00 21.81
CA SER A 3 -9.68 12.16 21.32
C SER A 3 -9.61 11.93 19.82
N GLY A 4 -10.11 10.76 19.38
CA GLY A 4 -10.09 10.45 17.97
C GLY A 4 -11.13 9.39 17.60
N SER A 5 -12.36 9.60 18.06
CA SER A 5 -13.43 8.66 17.78
C SER A 5 -14.31 9.15 16.63
N SER A 6 -13.66 9.67 15.59
CA SER A 6 -14.38 10.18 14.43
C SER A 6 -14.03 9.38 13.18
N GLY A 7 -15.04 9.08 12.38
CA GLY A 7 -14.82 8.31 11.17
C GLY A 7 -14.25 9.16 10.04
N ALA A 8 -12.91 9.21 9.96
CA ALA A 8 -12.25 9.98 8.93
C ALA A 8 -10.81 9.51 8.73
N GLY A 9 -10.42 9.36 7.47
CA GLY A 9 -9.07 8.91 7.15
C GLY A 9 -8.01 9.90 7.59
N LYS A 10 -7.15 9.47 8.52
CA LYS A 10 -6.09 10.33 9.03
C LYS A 10 -4.77 10.04 8.32
N LYS A 11 -4.58 8.78 7.93
CA LYS A 11 -3.36 8.37 7.25
C LYS A 11 -2.99 9.36 6.14
N LEU A 12 -1.79 9.22 5.61
CA LEU A 12 -1.31 10.11 4.56
C LEU A 12 -0.72 9.32 3.40
N PHE A 13 -0.11 8.17 3.73
CA PHE A 13 0.50 7.32 2.72
C PHE A 13 0.07 5.86 2.90
N LYS A 14 -0.76 5.38 1.99
CA LYS A 14 -1.25 4.00 2.05
C LYS A 14 -1.15 3.33 0.69
N CYS A 15 -0.86 2.04 0.69
CA CYS A 15 -0.75 1.27 -0.55
C CYS A 15 -2.05 0.55 -0.88
N ASN A 16 -2.63 0.85 -2.03
CA ASN A 16 -3.87 0.23 -2.46
C ASN A 16 -3.61 -1.14 -3.08
N GLU A 17 -2.67 -1.88 -2.51
CA GLU A 17 -2.32 -3.20 -3.01
C GLU A 17 -2.20 -4.20 -1.86
N CYS A 18 -1.56 -3.78 -0.78
CA CYS A 18 -1.37 -4.64 0.38
C CYS A 18 -1.68 -3.88 1.67
N LYS A 19 -2.42 -2.78 1.54
CA LYS A 19 -2.79 -1.97 2.70
C LYS A 19 -1.57 -1.71 3.59
N LYS A 20 -0.51 -1.18 3.00
CA LYS A 20 0.71 -0.89 3.74
C LYS A 20 0.92 0.62 3.86
N THR A 21 1.63 1.03 4.92
CA THR A 21 1.90 2.44 5.14
C THR A 21 3.36 2.65 5.57
N PHE A 22 3.86 3.86 5.33
CA PHE A 22 5.24 4.19 5.69
C PHE A 22 5.32 5.60 6.25
N THR A 23 6.08 5.76 7.34
CA THR A 23 6.25 7.06 7.98
C THR A 23 6.35 8.17 6.95
N GLN A 24 6.94 7.85 5.80
CA GLN A 24 7.11 8.83 4.73
C GLN A 24 6.48 8.33 3.44
N SER A 25 6.22 9.26 2.52
CA SER A 25 5.61 8.92 1.24
C SER A 25 6.62 8.23 0.32
N SER A 26 7.83 8.77 0.27
CA SER A 26 8.89 8.22 -0.56
C SER A 26 9.03 6.71 -0.33
N SER A 27 8.92 6.31 0.93
CA SER A 27 9.04 4.90 1.28
C SER A 27 7.97 4.06 0.58
N LEU A 28 6.78 4.64 0.46
CA LEU A 28 5.66 3.95 -0.19
C LEU A 28 5.91 3.81 -1.69
N THR A 29 6.36 4.90 -2.31
CA THR A 29 6.63 4.90 -3.74
C THR A 29 7.53 3.72 -4.13
N VAL A 30 8.76 3.73 -3.60
CA VAL A 30 9.71 2.66 -3.89
C VAL A 30 9.13 1.30 -3.56
N HIS A 31 8.15 1.28 -2.67
CA HIS A 31 7.50 0.03 -2.26
C HIS A 31 6.49 -0.42 -3.32
N GLN A 32 5.98 0.53 -4.09
CA GLN A 32 4.99 0.24 -5.13
C GLN A 32 5.65 -0.50 -6.29
N ARG A 33 6.93 -0.22 -6.53
CA ARG A 33 7.66 -0.86 -7.60
C ARG A 33 7.58 -2.38 -7.50
N ILE A 34 7.51 -2.87 -6.26
CA ILE A 34 7.43 -4.31 -6.02
C ILE A 34 6.18 -4.90 -6.65
N HIS A 35 5.04 -4.23 -6.47
CA HIS A 35 3.78 -4.69 -7.02
C HIS A 35 3.72 -4.44 -8.53
N THR A 36 4.41 -3.40 -8.98
CA THR A 36 4.44 -3.05 -10.39
C THR A 36 5.61 -3.72 -11.10
N GLY A 37 5.97 -4.92 -10.65
CA GLY A 37 7.07 -5.65 -11.25
C GLY A 37 7.27 -7.01 -10.63
N GLU A 38 6.20 -7.58 -10.08
CA GLU A 38 6.26 -8.89 -9.46
C GLU A 38 5.18 -9.82 -10.01
N LYS A 39 5.61 -10.94 -10.56
CA LYS A 39 4.68 -11.92 -11.13
C LYS A 39 3.38 -11.95 -10.33
N PRO A 40 2.25 -11.77 -11.03
CA PRO A 40 0.92 -11.79 -10.41
C PRO A 40 0.52 -13.17 -9.93
N SER A 41 -0.43 -13.22 -9.00
CA SER A 41 -0.90 -14.49 -8.45
C SER A 41 -1.62 -15.30 -9.52
N GLY A 42 -2.36 -14.61 -10.38
CA GLY A 42 -3.10 -15.28 -11.44
C GLY A 42 -2.21 -15.71 -12.58
N PRO A 43 -2.82 -16.10 -13.70
CA PRO A 43 -2.09 -16.55 -14.90
C PRO A 43 -1.34 -15.41 -15.57
N SER A 44 -0.48 -15.76 -16.54
CA SER A 44 0.30 -14.77 -17.26
C SER A 44 0.43 -15.15 -18.73
N SER A 45 -0.17 -14.35 -19.60
CA SER A 45 -0.13 -14.60 -21.04
C SER A 45 1.23 -15.15 -21.45
N GLY A 46 2.27 -14.36 -21.21
CA GLY A 46 3.62 -14.79 -21.57
C GLY A 46 4.31 -15.54 -20.44
N GLY A 1 -7.32 -10.99 13.08
CA GLY A 1 -7.08 -10.20 14.27
C GLY A 1 -7.57 -8.77 14.12
N SER A 2 -6.64 -7.82 14.06
CA SER A 2 -6.98 -6.41 13.93
C SER A 2 -7.25 -6.05 12.47
N SER A 3 -7.95 -6.93 11.77
CA SER A 3 -8.28 -6.71 10.36
C SER A 3 -9.35 -5.64 10.21
N GLY A 4 -8.93 -4.38 10.25
CA GLY A 4 -9.87 -3.28 10.11
C GLY A 4 -9.33 -2.16 9.25
N SER A 5 -9.60 -2.23 7.95
CA SER A 5 -9.14 -1.22 7.00
C SER A 5 -10.30 -0.37 6.50
N SER A 6 -10.62 0.69 7.24
CA SER A 6 -11.72 1.58 6.87
C SER A 6 -11.64 2.89 7.64
N GLY A 7 -11.58 4.00 6.91
CA GLY A 7 -11.50 5.30 7.55
C GLY A 7 -10.25 5.46 8.39
N ALA A 8 -9.12 5.72 7.74
CA ALA A 8 -7.85 5.90 8.43
C ALA A 8 -7.73 7.32 8.99
N GLY A 9 -7.95 8.30 8.14
CA GLY A 9 -7.86 9.69 8.57
C GLY A 9 -6.44 10.11 8.88
N LYS A 10 -6.00 9.83 10.10
CA LYS A 10 -4.65 10.18 10.52
C LYS A 10 -3.64 9.86 9.43
N LYS A 11 -3.76 8.67 8.84
CA LYS A 11 -2.85 8.25 7.78
C LYS A 11 -2.78 9.30 6.68
N LEU A 12 -1.70 9.26 5.90
CA LEU A 12 -1.51 10.22 4.81
C LEU A 12 -1.32 9.48 3.49
N PHE A 13 -0.80 8.26 3.56
CA PHE A 13 -0.56 7.46 2.36
C PHE A 13 -1.05 6.03 2.56
N LYS A 14 -1.73 5.49 1.55
CA LYS A 14 -2.26 4.14 1.61
C LYS A 14 -2.01 3.40 0.30
N CYS A 15 -1.44 2.20 0.41
CA CYS A 15 -1.15 1.39 -0.77
C CYS A 15 -2.32 0.49 -1.11
N ASN A 16 -2.94 0.74 -2.25
CA ASN A 16 -4.08 -0.05 -2.70
C ASN A 16 -3.62 -1.34 -3.37
N GLU A 17 -2.66 -2.01 -2.76
CA GLU A 17 -2.12 -3.26 -3.29
C GLU A 17 -1.99 -4.32 -2.20
N CYS A 18 -1.37 -3.94 -1.09
CA CYS A 18 -1.18 -4.85 0.03
C CYS A 18 -1.51 -4.17 1.35
N LYS A 19 -2.21 -3.04 1.27
CA LYS A 19 -2.60 -2.29 2.45
C LYS A 19 -1.37 -1.93 3.29
N LYS A 20 -0.38 -1.34 2.64
CA LYS A 20 0.85 -0.93 3.33
C LYS A 20 0.91 0.58 3.49
N THR A 21 1.60 1.03 4.53
CA THR A 21 1.74 2.46 4.79
C THR A 21 3.15 2.80 5.26
N PHE A 22 3.54 4.05 5.07
CA PHE A 22 4.86 4.51 5.47
C PHE A 22 4.82 5.97 5.94
N THR A 23 5.39 6.23 7.11
CA THR A 23 5.42 7.57 7.66
C THR A 23 5.72 8.60 6.59
N GLN A 24 6.51 8.20 5.59
CA GLN A 24 6.88 9.10 4.49
C GLN A 24 6.45 8.51 3.15
N SER A 25 6.40 9.36 2.13
CA SER A 25 6.01 8.92 0.80
C SER A 25 7.17 8.23 0.10
N SER A 26 8.34 8.85 0.16
CA SER A 26 9.53 8.29 -0.48
C SER A 26 9.61 6.78 -0.25
N SER A 27 9.24 6.35 0.95
CA SER A 27 9.27 4.93 1.30
C SER A 27 8.17 4.17 0.58
N LEU A 28 6.96 4.71 0.61
CA LEU A 28 5.82 4.09 -0.04
C LEU A 28 6.10 3.85 -1.53
N THR A 29 6.39 4.92 -2.24
CA THR A 29 6.68 4.85 -3.67
C THR A 29 7.59 3.65 -3.98
N VAL A 30 8.80 3.68 -3.43
CA VAL A 30 9.76 2.60 -3.65
C VAL A 30 9.12 1.24 -3.38
N HIS A 31 8.29 1.16 -2.35
CA HIS A 31 7.62 -0.08 -2.00
C HIS A 31 6.68 -0.52 -3.11
N GLN A 32 6.19 0.44 -3.89
CA GLN A 32 5.27 0.16 -4.99
C GLN A 32 5.95 -0.72 -6.03
N ARG A 33 7.24 -0.48 -6.26
CA ARG A 33 8.00 -1.25 -7.24
C ARG A 33 7.82 -2.75 -7.02
N ILE A 34 7.34 -3.10 -5.83
CA ILE A 34 7.11 -4.51 -5.50
C ILE A 34 5.91 -5.06 -6.24
N HIS A 35 4.90 -4.22 -6.43
CA HIS A 35 3.67 -4.62 -7.12
C HIS A 35 3.76 -4.30 -8.61
N THR A 36 4.55 -3.28 -8.93
CA THR A 36 4.71 -2.85 -10.32
C THR A 36 6.10 -3.20 -10.85
N GLY A 37 7.11 -2.90 -10.04
CA GLY A 37 8.48 -3.19 -10.44
C GLY A 37 8.87 -4.64 -10.21
N GLU A 38 7.92 -5.54 -10.48
CA GLU A 38 8.16 -6.97 -10.29
C GLU A 38 7.26 -7.80 -11.21
N LYS A 39 7.50 -9.10 -11.24
CA LYS A 39 6.70 -10.00 -12.07
C LYS A 39 5.24 -9.99 -11.64
N PRO A 40 4.33 -10.06 -12.63
CA PRO A 40 2.89 -10.06 -12.38
C PRO A 40 2.41 -11.35 -11.72
N SER A 41 1.66 -11.21 -10.64
CA SER A 41 1.14 -12.37 -9.91
C SER A 41 -0.38 -12.41 -9.98
N GLY A 42 -0.93 -12.12 -11.15
CA GLY A 42 -2.37 -12.14 -11.33
C GLY A 42 -3.01 -10.84 -10.89
N PRO A 43 -2.87 -9.79 -11.72
CA PRO A 43 -3.43 -8.47 -11.44
C PRO A 43 -4.95 -8.46 -11.54
N SER A 44 -5.56 -7.34 -11.15
CA SER A 44 -7.02 -7.21 -11.20
C SER A 44 -7.42 -5.97 -11.99
N SER A 45 -8.41 -6.13 -12.86
CA SER A 45 -8.89 -5.03 -13.70
C SER A 45 -10.33 -4.67 -13.35
N GLY A 46 -10.50 -3.88 -12.28
CA GLY A 46 -11.83 -3.48 -11.87
C GLY A 46 -12.46 -2.49 -12.82
N GLY A 1 -21.84 13.19 11.52
CA GLY A 1 -22.07 13.31 10.09
C GLY A 1 -20.87 13.86 9.36
N SER A 2 -21.10 14.34 8.13
CA SER A 2 -20.02 14.91 7.33
C SER A 2 -20.30 16.36 6.97
N SER A 3 -20.02 17.25 7.91
CA SER A 3 -20.23 18.68 7.72
C SER A 3 -19.01 19.48 8.13
N GLY A 4 -18.19 19.87 7.15
CA GLY A 4 -17.00 20.64 7.44
C GLY A 4 -15.97 20.54 6.33
N SER A 5 -15.00 21.44 6.35
CA SER A 5 -13.94 21.46 5.34
C SER A 5 -12.64 20.89 5.91
N SER A 6 -12.52 19.57 5.87
CA SER A 6 -11.32 18.90 6.39
C SER A 6 -11.35 17.41 6.05
N GLY A 7 -10.19 16.88 5.65
CA GLY A 7 -10.11 15.47 5.32
C GLY A 7 -10.60 14.58 6.43
N ALA A 8 -10.31 14.95 7.67
CA ALA A 8 -10.73 14.18 8.83
C ALA A 8 -10.12 12.78 8.80
N GLY A 9 -8.84 12.71 8.44
CA GLY A 9 -8.15 11.43 8.37
C GLY A 9 -6.89 11.41 9.19
N LYS A 10 -6.28 10.23 9.32
CA LYS A 10 -5.05 10.08 10.08
C LYS A 10 -3.88 9.75 9.16
N LYS A 11 -4.05 8.74 8.32
CA LYS A 11 -3.01 8.33 7.39
C LYS A 11 -2.87 9.34 6.26
N LEU A 12 -1.71 9.30 5.58
CA LEU A 12 -1.46 10.22 4.47
C LEU A 12 -1.03 9.45 3.23
N PHE A 13 -0.43 8.28 3.43
CA PHE A 13 0.02 7.45 2.32
C PHE A 13 -0.36 5.99 2.55
N LYS A 14 -1.26 5.49 1.71
CA LYS A 14 -1.71 4.10 1.81
C LYS A 14 -1.51 3.37 0.49
N CYS A 15 -1.22 2.07 0.58
CA CYS A 15 -1.01 1.25 -0.61
C CYS A 15 -2.27 0.47 -0.96
N ASN A 16 -2.81 0.73 -2.14
CA ASN A 16 -4.02 0.05 -2.60
C ASN A 16 -3.68 -1.31 -3.20
N GLU A 17 -2.71 -1.99 -2.61
CA GLU A 17 -2.30 -3.30 -3.09
C GLU A 17 -2.13 -4.27 -1.94
N CYS A 18 -1.53 -3.80 -0.85
CA CYS A 18 -1.32 -4.63 0.34
C CYS A 18 -1.68 -3.88 1.60
N LYS A 19 -2.57 -2.90 1.47
CA LYS A 19 -3.01 -2.10 2.61
C LYS A 19 -1.85 -1.81 3.55
N LYS A 20 -0.73 -1.36 2.99
CA LYS A 20 0.45 -1.03 3.78
C LYS A 20 0.73 0.47 3.76
N THR A 21 1.38 0.96 4.81
CA THR A 21 1.71 2.37 4.93
C THR A 21 3.17 2.57 5.28
N PHE A 22 3.67 3.78 5.07
CA PHE A 22 5.06 4.11 5.36
C PHE A 22 5.18 5.50 5.98
N THR A 23 6.04 5.61 6.99
CA THR A 23 6.25 6.89 7.67
C THR A 23 6.13 8.05 6.70
N GLN A 24 6.68 7.87 5.51
CA GLN A 24 6.64 8.91 4.48
C GLN A 24 6.27 8.34 3.13
N SER A 25 5.86 9.21 2.21
CA SER A 25 5.47 8.79 0.87
C SER A 25 6.66 8.17 0.14
N SER A 26 7.73 8.94 -0.02
CA SER A 26 8.93 8.45 -0.71
C SER A 26 9.22 7.01 -0.34
N SER A 27 9.11 6.69 0.95
CA SER A 27 9.36 5.34 1.42
C SER A 27 8.34 4.36 0.86
N LEU A 28 7.10 4.82 0.74
CA LEU A 28 6.03 3.98 0.21
C LEU A 28 6.18 3.77 -1.29
N THR A 29 6.46 4.86 -2.01
CA THR A 29 6.64 4.80 -3.45
C THR A 29 7.64 3.71 -3.84
N VAL A 30 8.81 3.75 -3.21
CA VAL A 30 9.85 2.77 -3.50
C VAL A 30 9.34 1.35 -3.30
N HIS A 31 8.30 1.20 -2.47
CA HIS A 31 7.71 -0.10 -2.20
C HIS A 31 6.73 -0.50 -3.30
N GLN A 32 6.19 0.51 -3.98
CA GLN A 32 5.23 0.27 -5.05
C GLN A 32 5.87 -0.52 -6.20
N ARG A 33 7.15 -0.27 -6.41
CA ARG A 33 7.89 -0.96 -7.48
C ARG A 33 7.74 -2.47 -7.36
N ILE A 34 7.51 -2.94 -6.13
CA ILE A 34 7.35 -4.36 -5.89
C ILE A 34 6.10 -4.90 -6.59
N HIS A 35 5.00 -4.16 -6.49
CA HIS A 35 3.75 -4.56 -7.11
C HIS A 35 3.84 -4.42 -8.63
N THR A 36 4.68 -3.52 -9.10
CA THR A 36 4.85 -3.29 -10.53
C THR A 36 5.92 -4.21 -11.10
N GLY A 37 5.90 -5.48 -10.69
CA GLY A 37 6.88 -6.44 -11.18
C GLY A 37 6.74 -7.79 -10.50
N GLU A 38 6.56 -7.78 -9.18
CA GLU A 38 6.41 -9.02 -8.43
C GLU A 38 4.99 -9.56 -8.53
N LYS A 39 4.87 -10.86 -8.79
CA LYS A 39 3.56 -11.49 -8.91
C LYS A 39 2.61 -10.99 -7.84
N PRO A 40 1.49 -10.38 -8.27
CA PRO A 40 0.48 -9.84 -7.37
C PRO A 40 -0.29 -10.94 -6.63
N SER A 41 -0.34 -10.82 -5.31
CA SER A 41 -1.04 -11.80 -4.48
C SER A 41 -2.05 -11.13 -3.57
N GLY A 42 -3.27 -10.92 -4.07
CA GLY A 42 -4.31 -10.29 -3.29
C GLY A 42 -5.54 -11.15 -3.16
N PRO A 43 -6.69 -10.50 -2.91
CA PRO A 43 -7.97 -11.20 -2.76
C PRO A 43 -8.47 -11.78 -4.08
N SER A 44 -8.70 -13.10 -4.09
CA SER A 44 -9.17 -13.78 -5.29
C SER A 44 -10.57 -14.36 -5.06
N SER A 45 -11.58 -13.58 -5.38
CA SER A 45 -12.98 -14.00 -5.22
C SER A 45 -13.65 -14.20 -6.57
N GLY A 46 -13.65 -13.14 -7.38
CA GLY A 46 -14.27 -13.21 -8.69
C GLY A 46 -14.03 -11.97 -9.52
N GLY A 1 -10.26 -0.59 16.50
CA GLY A 1 -11.26 -0.23 15.51
C GLY A 1 -12.29 0.74 16.05
N SER A 2 -12.84 0.43 17.23
CA SER A 2 -13.84 1.28 17.85
C SER A 2 -13.21 2.53 18.44
N SER A 3 -13.89 3.66 18.32
CA SER A 3 -13.40 4.93 18.84
C SER A 3 -12.06 5.29 18.19
N GLY A 4 -11.97 5.07 16.88
CA GLY A 4 -10.74 5.37 16.18
C GLY A 4 -10.82 6.67 15.40
N SER A 5 -10.60 6.60 14.10
CA SER A 5 -10.64 7.78 13.25
C SER A 5 -11.24 7.45 11.88
N SER A 6 -12.09 8.34 11.39
CA SER A 6 -12.75 8.13 10.10
C SER A 6 -11.74 7.65 9.05
N GLY A 7 -10.73 8.46 8.79
CA GLY A 7 -9.71 8.08 7.82
C GLY A 7 -8.98 9.29 7.25
N ALA A 8 -8.62 10.22 8.13
CA ALA A 8 -7.91 11.42 7.72
C ALA A 8 -7.26 12.11 8.91
N GLY A 9 -5.96 12.41 8.79
CA GLY A 9 -5.24 13.07 9.86
C GLY A 9 -3.87 12.47 10.09
N LYS A 10 -3.84 11.18 10.43
CA LYS A 10 -2.57 10.49 10.68
C LYS A 10 -2.01 9.92 9.38
N LYS A 11 -2.86 9.27 8.60
CA LYS A 11 -2.44 8.68 7.34
C LYS A 11 -2.70 9.65 6.17
N LEU A 12 -2.04 9.40 5.06
CA LEU A 12 -2.20 10.24 3.87
C LEU A 12 -2.35 9.39 2.62
N PHE A 13 -1.67 8.25 2.59
CA PHE A 13 -1.72 7.35 1.45
C PHE A 13 -1.92 5.90 1.90
N LYS A 14 -2.63 5.13 1.09
CA LYS A 14 -2.88 3.73 1.41
C LYS A 14 -2.69 2.85 0.18
N CYS A 15 -1.69 1.96 0.25
CA CYS A 15 -1.40 1.06 -0.85
C CYS A 15 -2.56 0.10 -1.09
N ASN A 16 -3.20 0.23 -2.25
CA ASN A 16 -4.33 -0.63 -2.61
C ASN A 16 -3.84 -1.95 -3.19
N GLU A 17 -2.60 -2.32 -2.88
CA GLU A 17 -2.02 -3.55 -3.39
C GLU A 17 -1.81 -4.54 -2.25
N CYS A 18 -1.35 -4.05 -1.11
CA CYS A 18 -1.11 -4.89 0.05
C CYS A 18 -1.67 -4.26 1.32
N LYS A 19 -2.28 -3.09 1.17
CA LYS A 19 -2.87 -2.37 2.29
C LYS A 19 -1.80 -2.01 3.32
N LYS A 20 -0.67 -1.50 2.84
CA LYS A 20 0.43 -1.11 3.71
C LYS A 20 0.73 0.38 3.57
N THR A 21 1.37 0.95 4.59
CA THR A 21 1.71 2.36 4.58
C THR A 21 3.06 2.60 5.26
N PHE A 22 3.48 3.87 5.30
CA PHE A 22 4.74 4.23 5.92
C PHE A 22 4.74 5.69 6.35
N THR A 23 5.60 6.02 7.31
CA THR A 23 5.69 7.38 7.82
C THR A 23 6.59 8.24 6.92
N GLN A 24 6.79 7.80 5.69
CA GLN A 24 7.61 8.51 4.74
C GLN A 24 7.14 8.28 3.31
N SER A 25 6.57 9.31 2.70
CA SER A 25 6.07 9.23 1.34
C SER A 25 7.08 8.51 0.43
N SER A 26 8.36 8.82 0.62
CA SER A 26 9.41 8.22 -0.17
C SER A 26 9.38 6.70 -0.07
N SER A 27 9.01 6.21 1.12
CA SER A 27 8.93 4.77 1.36
C SER A 27 7.83 4.14 0.51
N LEU A 28 6.64 4.72 0.57
CA LEU A 28 5.50 4.21 -0.19
C LEU A 28 5.88 3.98 -1.64
N THR A 29 6.38 5.02 -2.29
CA THR A 29 6.78 4.94 -3.70
C THR A 29 7.74 3.77 -3.91
N VAL A 30 8.88 3.80 -3.23
CA VAL A 30 9.87 2.74 -3.35
C VAL A 30 9.24 1.37 -3.11
N HIS A 31 8.33 1.31 -2.15
CA HIS A 31 7.66 0.05 -1.81
C HIS A 31 6.68 -0.35 -2.91
N GLN A 32 6.19 0.64 -3.64
CA GLN A 32 5.24 0.39 -4.72
C GLN A 32 5.92 -0.30 -5.90
N ARG A 33 7.17 0.08 -6.16
CA ARG A 33 7.93 -0.49 -7.25
C ARG A 33 7.94 -2.02 -7.17
N ILE A 34 7.58 -2.54 -6.01
CA ILE A 34 7.54 -3.99 -5.80
C ILE A 34 6.34 -4.61 -6.48
N HIS A 35 5.15 -4.08 -6.19
CA HIS A 35 3.92 -4.59 -6.79
C HIS A 35 3.89 -4.30 -8.29
N THR A 36 4.36 -3.12 -8.68
CA THR A 36 4.38 -2.73 -10.08
C THR A 36 5.61 -3.28 -10.78
N GLY A 37 6.71 -3.41 -10.05
CA GLY A 37 7.94 -3.92 -10.62
C GLY A 37 7.73 -5.27 -11.30
N GLU A 38 7.04 -6.17 -10.62
CA GLU A 38 6.77 -7.50 -11.16
C GLU A 38 6.37 -7.42 -12.63
N LYS A 39 6.77 -8.43 -13.41
CA LYS A 39 6.44 -8.47 -14.83
C LYS A 39 5.12 -9.18 -15.05
N PRO A 40 4.35 -8.70 -16.03
CA PRO A 40 3.05 -9.28 -16.39
C PRO A 40 3.17 -10.64 -17.04
N SER A 41 2.60 -11.66 -16.39
CA SER A 41 2.65 -13.02 -16.91
C SER A 41 1.27 -13.66 -16.91
N GLY A 42 0.84 -14.14 -18.06
CA GLY A 42 -0.46 -14.76 -18.18
C GLY A 42 -0.53 -15.79 -19.29
N PRO A 43 -1.23 -16.90 -19.04
CA PRO A 43 -1.38 -17.98 -20.02
C PRO A 43 -2.25 -17.57 -21.20
N SER A 44 -2.78 -16.35 -21.16
CA SER A 44 -3.63 -15.84 -22.23
C SER A 44 -3.57 -14.32 -22.29
N SER A 45 -3.07 -13.80 -23.41
CA SER A 45 -2.95 -12.36 -23.60
C SER A 45 -4.20 -11.64 -23.11
N GLY A 46 -4.01 -10.69 -22.21
CA GLY A 46 -5.13 -9.93 -21.67
C GLY A 46 -4.74 -8.55 -21.21
N GLY A 1 -14.43 -12.83 8.66
CA GLY A 1 -13.54 -11.69 8.62
C GLY A 1 -12.84 -11.44 9.94
N SER A 2 -11.56 -11.82 10.02
CA SER A 2 -10.78 -11.66 11.24
C SER A 2 -10.25 -10.23 11.35
N SER A 3 -11.13 -9.25 11.13
CA SER A 3 -10.73 -7.86 11.19
C SER A 3 -11.83 -7.01 11.85
N GLY A 4 -11.43 -5.89 12.43
CA GLY A 4 -12.40 -5.01 13.08
C GLY A 4 -13.02 -4.02 12.11
N SER A 5 -12.57 -2.78 12.18
CA SER A 5 -13.08 -1.72 11.32
C SER A 5 -12.21 -0.47 11.39
N SER A 6 -11.77 0.01 10.23
CA SER A 6 -10.93 1.19 10.16
C SER A 6 -11.20 1.98 8.88
N GLY A 7 -11.41 3.29 9.03
CA GLY A 7 -11.68 4.13 7.88
C GLY A 7 -10.47 4.95 7.48
N ALA A 8 -10.54 6.26 7.70
CA ALA A 8 -9.45 7.16 7.36
C ALA A 8 -9.35 8.30 8.37
N GLY A 9 -8.20 8.99 8.36
CA GLY A 9 -8.00 10.09 9.28
C GLY A 9 -6.54 10.50 9.38
N LYS A 10 -5.84 9.94 10.35
CA LYS A 10 -4.43 10.25 10.55
C LYS A 10 -3.59 9.80 9.36
N LYS A 11 -3.87 8.60 8.87
CA LYS A 11 -3.15 8.05 7.73
C LYS A 11 -2.89 9.13 6.67
N LEU A 12 -1.85 8.94 5.88
CA LEU A 12 -1.50 9.89 4.83
C LEU A 12 -1.30 9.18 3.49
N PHE A 13 -1.09 7.88 3.54
CA PHE A 13 -0.89 7.08 2.34
C PHE A 13 -1.71 5.79 2.38
N LYS A 14 -2.19 5.36 1.23
CA LYS A 14 -2.98 4.15 1.14
C LYS A 14 -2.57 3.32 -0.07
N CYS A 15 -1.85 2.22 0.19
CA CYS A 15 -1.39 1.34 -0.88
C CYS A 15 -2.49 0.34 -1.27
N ASN A 16 -3.07 0.54 -2.44
CA ASN A 16 -4.13 -0.34 -2.93
C ASN A 16 -3.54 -1.62 -3.51
N GLU A 17 -2.57 -2.18 -2.81
CA GLU A 17 -1.93 -3.41 -3.25
C GLU A 17 -1.77 -4.39 -2.09
N CYS A 18 -1.29 -3.89 -0.96
CA CYS A 18 -1.10 -4.72 0.23
C CYS A 18 -1.64 -4.03 1.47
N LYS A 19 -2.31 -2.90 1.27
CA LYS A 19 -2.90 -2.15 2.37
C LYS A 19 -1.83 -1.78 3.40
N LYS A 20 -0.72 -1.24 2.92
CA LYS A 20 0.38 -0.83 3.79
C LYS A 20 0.74 0.63 3.58
N THR A 21 1.26 1.27 4.63
CA THR A 21 1.64 2.68 4.56
C THR A 21 3.05 2.88 5.09
N PHE A 22 3.55 4.10 4.96
CA PHE A 22 4.89 4.44 5.42
C PHE A 22 4.94 5.87 5.97
N THR A 23 5.91 6.14 6.82
CA THR A 23 6.07 7.46 7.41
C THR A 23 6.90 8.38 6.50
N GLN A 24 7.04 7.98 5.25
CA GLN A 24 7.81 8.75 4.28
C GLN A 24 7.31 8.52 2.86
N SER A 25 6.75 9.56 2.25
CA SER A 25 6.22 9.46 0.89
C SER A 25 7.15 8.63 0.01
N SER A 26 8.46 8.82 0.21
CA SER A 26 9.45 8.08 -0.57
C SER A 26 9.45 6.60 -0.22
N SER A 27 9.20 6.30 1.05
CA SER A 27 9.17 4.92 1.52
C SER A 27 8.09 4.13 0.79
N LEU A 28 6.93 4.74 0.62
CA LEU A 28 5.81 4.10 -0.06
C LEU A 28 6.13 3.87 -1.53
N THR A 29 6.53 4.94 -2.23
CA THR A 29 6.87 4.85 -3.64
C THR A 29 7.85 3.73 -3.90
N VAL A 30 8.96 3.74 -3.19
CA VAL A 30 9.99 2.72 -3.34
C VAL A 30 9.43 1.33 -3.05
N HIS A 31 8.34 1.29 -2.30
CA HIS A 31 7.69 0.03 -1.94
C HIS A 31 6.61 -0.35 -2.95
N GLN A 32 6.24 0.62 -3.78
CA GLN A 32 5.21 0.40 -4.80
C GLN A 32 5.74 -0.49 -5.91
N ARG A 33 6.93 -0.17 -6.41
CA ARG A 33 7.56 -0.94 -7.48
C ARG A 33 7.42 -2.44 -7.23
N ILE A 34 7.51 -2.82 -5.95
CA ILE A 34 7.41 -4.22 -5.57
C ILE A 34 6.18 -4.88 -6.21
N HIS A 35 5.04 -4.21 -6.09
CA HIS A 35 3.79 -4.72 -6.66
C HIS A 35 3.81 -4.64 -8.17
N THR A 36 4.50 -3.62 -8.70
CA THR A 36 4.60 -3.42 -10.14
C THR A 36 6.05 -3.41 -10.60
N GLY A 37 6.78 -4.47 -10.27
CA GLY A 37 8.18 -4.56 -10.66
C GLY A 37 8.80 -5.89 -10.28
N GLU A 38 8.45 -6.39 -9.09
CA GLU A 38 8.99 -7.66 -8.61
C GLU A 38 9.19 -8.63 -9.77
N LYS A 39 10.21 -9.47 -9.66
CA LYS A 39 10.51 -10.46 -10.69
C LYS A 39 9.24 -11.11 -11.21
N PRO A 40 9.27 -11.58 -12.46
CA PRO A 40 8.13 -12.24 -13.09
C PRO A 40 7.85 -13.61 -12.50
N SER A 41 6.73 -13.71 -11.79
CA SER A 41 6.33 -14.97 -11.16
C SER A 41 5.01 -15.47 -11.72
N GLY A 42 4.60 -16.66 -11.28
CA GLY A 42 3.35 -17.22 -11.74
C GLY A 42 2.28 -16.18 -11.94
N PRO A 43 1.42 -16.38 -12.97
CA PRO A 43 0.33 -15.46 -13.29
C PRO A 43 -0.77 -15.46 -12.24
N SER A 44 -0.61 -16.31 -11.23
CA SER A 44 -1.59 -16.43 -10.16
C SER A 44 -1.76 -15.10 -9.43
N SER A 45 -0.70 -14.68 -8.73
CA SER A 45 -0.72 -13.43 -7.99
C SER A 45 0.56 -12.64 -8.21
N GLY A 46 0.51 -11.34 -7.93
CA GLY A 46 1.67 -10.49 -8.10
C GLY A 46 1.38 -9.03 -7.83
N GLY A 1 -14.79 -6.29 18.15
CA GLY A 1 -14.26 -6.05 16.82
C GLY A 1 -15.15 -6.61 15.73
N SER A 2 -16.15 -5.82 15.34
CA SER A 2 -17.08 -6.23 14.30
C SER A 2 -16.99 -5.32 13.08
N SER A 3 -17.16 -4.03 13.31
CA SER A 3 -17.10 -3.04 12.24
C SER A 3 -16.22 -1.86 12.63
N GLY A 4 -16.53 -1.26 13.77
CA GLY A 4 -15.76 -0.13 14.25
C GLY A 4 -15.78 1.04 13.27
N SER A 5 -16.47 2.10 13.64
CA SER A 5 -16.57 3.29 12.78
C SER A 5 -15.26 3.51 12.02
N SER A 6 -15.38 3.86 10.74
CA SER A 6 -14.21 4.11 9.91
C SER A 6 -13.35 5.21 10.50
N GLY A 7 -12.03 5.00 10.48
CA GLY A 7 -11.12 5.99 11.02
C GLY A 7 -9.66 5.59 10.84
N ALA A 8 -8.86 6.51 10.33
CA ALA A 8 -7.45 6.26 10.11
C ALA A 8 -6.58 7.27 10.84
N GLY A 9 -5.52 6.77 11.49
CA GLY A 9 -4.63 7.65 12.22
C GLY A 9 -3.26 7.75 11.59
N LYS A 10 -2.56 8.85 11.88
CA LYS A 10 -1.22 9.06 11.33
C LYS A 10 -1.11 8.46 9.92
N LYS A 11 -2.17 8.60 9.13
CA LYS A 11 -2.19 8.08 7.77
C LYS A 11 -2.36 9.20 6.76
N LEU A 12 -1.65 9.10 5.64
CA LEU A 12 -1.72 10.11 4.59
C LEU A 12 -1.86 9.46 3.22
N PHE A 13 -1.24 8.29 3.06
CA PHE A 13 -1.28 7.56 1.79
C PHE A 13 -1.67 6.11 2.02
N LYS A 14 -2.43 5.55 1.08
CA LYS A 14 -2.88 4.16 1.17
C LYS A 14 -2.50 3.39 -0.09
N CYS A 15 -1.89 2.23 0.09
CA CYS A 15 -1.49 1.39 -1.05
C CYS A 15 -2.62 0.45 -1.45
N ASN A 16 -3.15 0.65 -2.65
CA ASN A 16 -4.23 -0.19 -3.15
C ASN A 16 -3.69 -1.49 -3.73
N GLU A 17 -2.73 -2.08 -3.04
CA GLU A 17 -2.13 -3.34 -3.48
C GLU A 17 -2.02 -4.33 -2.33
N CYS A 18 -1.45 -3.87 -1.22
CA CYS A 18 -1.28 -4.72 -0.04
C CYS A 18 -1.87 -4.04 1.20
N LYS A 19 -2.61 -2.96 1.00
CA LYS A 19 -3.22 -2.22 2.09
C LYS A 19 -2.18 -1.83 3.14
N LYS A 20 -1.05 -1.32 2.66
CA LYS A 20 0.03 -0.89 3.56
C LYS A 20 0.13 0.63 3.61
N THR A 21 0.77 1.14 4.65
CA THR A 21 0.94 2.58 4.82
C THR A 21 2.37 2.92 5.20
N PHE A 22 2.82 4.10 4.78
CA PHE A 22 4.18 4.55 5.07
C PHE A 22 4.18 6.01 5.52
N THR A 23 4.97 6.30 6.54
CA THR A 23 5.07 7.66 7.07
C THR A 23 6.06 8.50 6.27
N GLN A 24 6.22 8.14 4.99
CA GLN A 24 7.14 8.85 4.12
C GLN A 24 6.78 8.65 2.65
N SER A 25 6.37 9.73 2.00
CA SER A 25 5.97 9.66 0.59
C SER A 25 6.95 8.81 -0.21
N SER A 26 8.25 8.97 0.09
CA SER A 26 9.29 8.22 -0.60
C SER A 26 9.27 6.76 -0.16
N SER A 27 8.95 6.52 1.09
CA SER A 27 8.91 5.16 1.64
C SER A 27 7.84 4.33 0.94
N LEU A 28 6.68 4.93 0.72
CA LEU A 28 5.57 4.25 0.06
C LEU A 28 5.91 3.98 -1.41
N THR A 29 6.25 5.04 -2.13
CA THR A 29 6.59 4.92 -3.54
C THR A 29 7.57 3.76 -3.78
N VAL A 30 8.76 3.89 -3.22
CA VAL A 30 9.78 2.85 -3.37
C VAL A 30 9.22 1.47 -3.06
N HIS A 31 8.26 1.42 -2.13
CA HIS A 31 7.64 0.16 -1.75
C HIS A 31 6.76 -0.37 -2.88
N GLN A 32 6.23 0.53 -3.70
CA GLN A 32 5.37 0.15 -4.80
C GLN A 32 6.13 -0.72 -5.80
N ARG A 33 7.42 -0.44 -5.97
CA ARG A 33 8.25 -1.20 -6.90
C ARG A 33 8.16 -2.70 -6.60
N ILE A 34 8.00 -3.04 -5.33
CA ILE A 34 7.90 -4.43 -4.91
C ILE A 34 6.75 -5.13 -5.63
N HIS A 35 5.64 -4.42 -5.78
CA HIS A 35 4.46 -4.97 -6.45
C HIS A 35 4.72 -5.14 -7.94
N THR A 36 5.48 -4.22 -8.52
CA THR A 36 5.80 -4.28 -9.95
C THR A 36 6.79 -5.40 -10.25
N GLY A 37 7.73 -5.61 -9.33
CA GLY A 37 8.73 -6.64 -9.52
C GLY A 37 8.24 -8.00 -9.04
N GLU A 38 6.97 -8.31 -9.30
CA GLU A 38 6.40 -9.58 -8.88
C GLU A 38 5.47 -10.13 -9.96
N LYS A 39 5.39 -11.45 -10.05
CA LYS A 39 4.53 -12.11 -11.03
C LYS A 39 3.06 -11.96 -10.67
N PRO A 40 2.23 -11.67 -11.67
CA PRO A 40 0.79 -11.49 -11.47
C PRO A 40 0.08 -12.80 -11.14
N SER A 41 -0.31 -12.96 -9.89
CA SER A 41 -1.00 -14.17 -9.44
C SER A 41 -2.48 -14.12 -9.78
N GLY A 42 -3.16 -15.26 -9.64
CA GLY A 42 -4.57 -15.32 -9.94
C GLY A 42 -5.31 -14.08 -9.47
N PRO A 43 -6.52 -13.86 -10.05
CA PRO A 43 -7.35 -12.71 -9.70
C PRO A 43 -7.92 -12.81 -8.30
N SER A 44 -7.66 -11.79 -7.49
CA SER A 44 -8.15 -11.76 -6.11
C SER A 44 -8.74 -10.40 -5.77
N SER A 45 -9.71 -10.39 -4.86
CA SER A 45 -10.37 -9.16 -4.46
C SER A 45 -9.95 -8.76 -3.05
N GLY A 46 -9.41 -7.55 -2.92
CA GLY A 46 -8.97 -7.06 -1.62
C GLY A 46 -10.05 -6.28 -0.90
N GLY A 1 -12.50 -1.24 14.72
CA GLY A 1 -12.87 -0.84 16.07
C GLY A 1 -12.30 0.51 16.45
N SER A 2 -13.05 1.27 17.24
CA SER A 2 -12.62 2.58 17.68
C SER A 2 -12.13 2.55 19.13
N SER A 3 -10.87 2.14 19.31
CA SER A 3 -10.28 2.05 20.63
C SER A 3 -9.11 3.02 20.77
N GLY A 4 -9.28 4.23 20.25
CA GLY A 4 -8.24 5.23 20.33
C GLY A 4 -7.98 5.90 18.98
N SER A 5 -8.14 5.14 17.91
CA SER A 5 -7.91 5.67 16.57
C SER A 5 -9.15 6.40 16.06
N SER A 6 -9.68 7.29 16.88
CA SER A 6 -10.87 8.05 16.51
C SER A 6 -10.49 9.47 16.07
N GLY A 7 -10.70 9.75 14.79
CA GLY A 7 -10.38 11.06 14.25
C GLY A 7 -10.90 11.26 12.85
N ALA A 8 -10.39 12.28 12.16
CA ALA A 8 -10.82 12.58 10.80
C ALA A 8 -9.74 12.20 9.79
N GLY A 9 -9.04 11.11 10.08
CA GLY A 9 -7.98 10.66 9.17
C GLY A 9 -6.61 11.09 9.64
N LYS A 10 -5.76 10.13 9.98
CA LYS A 10 -4.41 10.42 10.44
C LYS A 10 -3.38 10.08 9.36
N LYS A 11 -3.70 9.08 8.55
CA LYS A 11 -2.80 8.66 7.47
C LYS A 11 -2.86 9.64 6.30
N LEU A 12 -1.89 9.55 5.40
CA LEU A 12 -1.84 10.42 4.24
C LEU A 12 -1.68 9.61 2.95
N PHE A 13 -1.24 8.37 3.09
CA PHE A 13 -1.05 7.49 1.94
C PHE A 13 -1.62 6.10 2.23
N LYS A 14 -2.19 5.49 1.19
CA LYS A 14 -2.77 4.15 1.32
C LYS A 14 -2.41 3.29 0.12
N CYS A 15 -1.66 2.22 0.38
CA CYS A 15 -1.24 1.30 -0.67
C CYS A 15 -2.36 0.33 -1.03
N ASN A 16 -2.99 0.55 -2.17
CA ASN A 16 -4.08 -0.31 -2.63
C ASN A 16 -3.54 -1.57 -3.28
N GLU A 17 -2.49 -2.13 -2.70
CA GLU A 17 -1.88 -3.35 -3.23
C GLU A 17 -1.67 -4.38 -2.14
N CYS A 18 -1.19 -3.92 -0.98
CA CYS A 18 -0.94 -4.79 0.15
C CYS A 18 -1.55 -4.22 1.43
N LYS A 19 -2.16 -3.05 1.31
CA LYS A 19 -2.78 -2.39 2.46
C LYS A 19 -1.73 -2.04 3.52
N LYS A 20 -0.72 -1.30 3.11
CA LYS A 20 0.35 -0.89 4.02
C LYS A 20 0.75 0.56 3.78
N THR A 21 1.57 1.10 4.66
CA THR A 21 2.03 2.48 4.54
C THR A 21 3.38 2.67 5.21
N PHE A 22 3.96 3.86 5.03
CA PHE A 22 5.26 4.17 5.62
C PHE A 22 5.29 5.60 6.14
N THR A 23 5.83 5.78 7.34
CA THR A 23 5.93 7.10 7.95
C THR A 23 6.25 8.16 6.91
N GLN A 24 6.95 7.75 5.85
CA GLN A 24 7.32 8.68 4.79
C GLN A 24 6.73 8.24 3.46
N SER A 25 6.32 9.21 2.65
CA SER A 25 5.73 8.93 1.35
C SER A 25 6.78 8.40 0.37
N SER A 26 8.06 8.68 0.68
CA SER A 26 9.15 8.24 -0.17
C SER A 26 9.31 6.73 -0.12
N SER A 27 9.16 6.17 1.08
CA SER A 27 9.28 4.72 1.27
C SER A 27 8.19 3.98 0.52
N LEU A 28 6.99 4.55 0.51
CA LEU A 28 5.85 3.93 -0.17
C LEU A 28 6.11 3.82 -1.67
N THR A 29 6.52 4.93 -2.28
CA THR A 29 6.81 4.96 -3.70
C THR A 29 7.79 3.86 -4.09
N VAL A 30 8.99 3.90 -3.49
CA VAL A 30 10.01 2.91 -3.77
C VAL A 30 9.52 1.49 -3.46
N HIS A 31 8.42 1.41 -2.70
CA HIS A 31 7.84 0.12 -2.34
C HIS A 31 6.79 -0.31 -3.36
N GLN A 32 6.14 0.66 -3.98
CA GLN A 32 5.10 0.38 -4.96
C GLN A 32 5.68 -0.42 -6.13
N ARG A 33 6.98 -0.29 -6.34
CA ARG A 33 7.66 -1.00 -7.43
C ARG A 33 7.55 -2.51 -7.23
N ILE A 34 7.45 -2.93 -5.98
CA ILE A 34 7.33 -4.34 -5.65
C ILE A 34 6.08 -4.96 -6.28
N HIS A 35 4.98 -4.22 -6.21
CA HIS A 35 3.72 -4.69 -6.78
C HIS A 35 3.74 -4.61 -8.29
N THR A 36 4.60 -3.77 -8.83
CA THR A 36 4.72 -3.59 -10.27
C THR A 36 5.73 -4.56 -10.86
N GLY A 37 6.68 -5.00 -10.04
CA GLY A 37 7.70 -5.93 -10.50
C GLY A 37 7.32 -7.37 -10.23
N GLU A 38 6.81 -7.64 -9.03
CA GLU A 38 6.42 -8.98 -8.65
C GLU A 38 5.85 -9.74 -9.85
N LYS A 39 6.37 -10.94 -10.10
CA LYS A 39 5.91 -11.77 -11.21
C LYS A 39 5.75 -13.21 -10.78
N PRO A 40 4.72 -13.89 -11.31
CA PRO A 40 4.43 -15.29 -11.01
C PRO A 40 5.48 -16.23 -11.58
N SER A 41 6.45 -16.61 -10.76
CA SER A 41 7.51 -17.51 -11.18
C SER A 41 7.71 -18.64 -10.16
N GLY A 42 6.84 -19.64 -10.21
CA GLY A 42 6.93 -20.75 -9.29
C GLY A 42 5.58 -21.29 -8.89
N PRO A 43 4.85 -21.87 -9.86
CA PRO A 43 3.52 -22.44 -9.62
C PRO A 43 3.57 -23.70 -8.78
N SER A 44 2.40 -24.22 -8.41
CA SER A 44 2.31 -25.42 -7.61
C SER A 44 3.20 -26.52 -8.17
N SER A 45 3.00 -26.85 -9.44
CA SER A 45 3.79 -27.89 -10.10
C SER A 45 4.93 -27.28 -10.91
N GLY A 46 5.97 -28.06 -11.14
CA GLY A 46 7.12 -27.59 -11.89
C GLY A 46 7.69 -28.64 -12.82
N GLY A 1 -9.65 -10.59 14.02
CA GLY A 1 -9.49 -9.93 12.74
C GLY A 1 -9.24 -8.44 12.90
N SER A 2 -9.33 -7.70 11.79
CA SER A 2 -9.10 -6.27 11.81
C SER A 2 -9.84 -5.59 10.66
N SER A 3 -10.92 -4.89 10.98
CA SER A 3 -11.72 -4.19 9.99
C SER A 3 -10.83 -3.59 8.90
N GLY A 4 -11.35 -3.54 7.68
CA GLY A 4 -10.59 -2.99 6.57
C GLY A 4 -11.46 -2.25 5.58
N SER A 5 -11.40 -0.92 5.61
CA SER A 5 -12.19 -0.10 4.71
C SER A 5 -11.59 1.30 4.57
N SER A 6 -11.46 1.76 3.33
CA SER A 6 -10.90 3.07 3.05
C SER A 6 -11.64 4.15 3.83
N GLY A 7 -10.90 4.91 4.64
CA GLY A 7 -11.50 5.96 5.43
C GLY A 7 -10.58 7.15 5.60
N ALA A 8 -10.81 7.94 6.65
CA ALA A 8 -9.99 9.12 6.93
C ALA A 8 -9.59 9.18 8.39
N GLY A 9 -8.69 10.09 8.72
CA GLY A 9 -8.23 10.23 10.09
C GLY A 9 -6.86 10.89 10.18
N LYS A 10 -5.81 10.06 10.14
CA LYS A 10 -4.45 10.57 10.23
C LYS A 10 -3.59 10.01 9.09
N LYS A 11 -3.91 8.79 8.66
CA LYS A 11 -3.18 8.14 7.59
C LYS A 11 -2.83 9.14 6.49
N LEU A 12 -1.65 8.96 5.90
CA LEU A 12 -1.19 9.85 4.83
C LEU A 12 -1.04 9.09 3.51
N PHE A 13 -0.80 7.79 3.61
CA PHE A 13 -0.63 6.95 2.43
C PHE A 13 -1.43 5.65 2.58
N LYS A 14 -2.07 5.23 1.49
CA LYS A 14 -2.86 4.00 1.49
C LYS A 14 -2.57 3.17 0.25
N CYS A 15 -1.77 2.13 0.42
CA CYS A 15 -1.42 1.24 -0.69
C CYS A 15 -2.55 0.28 -1.00
N ASN A 16 -3.14 0.41 -2.18
CA ASN A 16 -4.24 -0.44 -2.59
C ASN A 16 -3.72 -1.76 -3.17
N GLU A 17 -2.48 -2.10 -2.82
CA GLU A 17 -1.85 -3.33 -3.29
C GLU A 17 -1.69 -4.33 -2.15
N CYS A 18 -1.27 -3.84 -0.99
CA CYS A 18 -1.07 -4.68 0.17
C CYS A 18 -1.72 -4.08 1.40
N LYS A 19 -2.45 -2.98 1.21
CA LYS A 19 -3.13 -2.30 2.31
C LYS A 19 -2.14 -1.89 3.39
N LYS A 20 -1.03 -1.29 2.97
CA LYS A 20 0.00 -0.84 3.91
C LYS A 20 0.36 0.63 3.67
N THR A 21 1.11 1.20 4.61
CA THR A 21 1.53 2.60 4.50
C THR A 21 2.92 2.80 5.08
N PHE A 22 3.45 4.01 4.91
CA PHE A 22 4.78 4.33 5.42
C PHE A 22 4.81 5.73 6.02
N THR A 23 5.83 6.00 6.82
CA THR A 23 5.97 7.31 7.46
C THR A 23 6.70 8.29 6.56
N GLN A 24 6.95 7.88 5.32
CA GLN A 24 7.66 8.73 4.37
C GLN A 24 7.16 8.46 2.94
N SER A 25 6.68 9.52 2.29
CA SER A 25 6.17 9.39 0.93
C SER A 25 7.14 8.60 0.05
N SER A 26 8.43 8.92 0.15
CA SER A 26 9.44 8.24 -0.63
C SER A 26 9.46 6.74 -0.32
N SER A 27 9.25 6.41 0.95
CA SER A 27 9.24 5.01 1.38
C SER A 27 8.17 4.22 0.64
N LEU A 28 6.98 4.81 0.51
CA LEU A 28 5.88 4.17 -0.18
C LEU A 28 6.20 3.94 -1.66
N THR A 29 6.68 5.00 -2.30
CA THR A 29 7.04 4.92 -3.72
C THR A 29 7.96 3.74 -4.00
N VAL A 30 9.12 3.74 -3.34
CA VAL A 30 10.10 2.68 -3.51
C VAL A 30 9.50 1.33 -3.12
N HIS A 31 8.38 1.36 -2.41
CA HIS A 31 7.72 0.14 -1.98
C HIS A 31 6.68 -0.30 -2.99
N GLN A 32 6.13 0.66 -3.73
CA GLN A 32 5.13 0.36 -4.75
C GLN A 32 5.74 -0.42 -5.90
N ARG A 33 6.99 -0.12 -6.22
CA ARG A 33 7.68 -0.80 -7.31
C ARG A 33 7.57 -2.31 -7.18
N ILE A 34 7.54 -2.79 -5.93
CA ILE A 34 7.44 -4.22 -5.67
C ILE A 34 6.23 -4.82 -6.38
N HIS A 35 5.07 -4.20 -6.19
CA HIS A 35 3.84 -4.68 -6.82
C HIS A 35 3.89 -4.47 -8.33
N THR A 36 4.63 -3.45 -8.76
CA THR A 36 4.75 -3.14 -10.18
C THR A 36 6.19 -3.35 -10.66
N GLY A 37 6.75 -4.50 -10.36
CA GLY A 37 8.10 -4.81 -10.77
C GLY A 37 8.54 -6.19 -10.35
N GLU A 38 8.49 -6.47 -9.05
CA GLU A 38 8.90 -7.77 -8.53
C GLU A 38 8.01 -8.88 -9.10
N LYS A 39 8.33 -10.11 -8.73
CA LYS A 39 7.57 -11.27 -9.21
C LYS A 39 7.31 -11.17 -10.71
N PRO A 40 8.38 -10.97 -11.49
CA PRO A 40 8.29 -10.85 -12.94
C PRO A 40 7.94 -12.17 -13.61
N SER A 41 7.76 -13.21 -12.80
CA SER A 41 7.42 -14.53 -13.31
C SER A 41 6.52 -15.28 -12.34
N GLY A 42 5.72 -16.20 -12.86
CA GLY A 42 4.82 -16.98 -12.03
C GLY A 42 3.40 -16.96 -12.53
N PRO A 43 2.52 -16.23 -11.82
CA PRO A 43 1.11 -16.13 -12.19
C PRO A 43 0.90 -15.30 -13.46
N SER A 44 2.00 -14.80 -14.02
CA SER A 44 1.94 -14.00 -15.23
C SER A 44 3.10 -14.33 -16.16
N SER A 45 2.95 -13.98 -17.44
CA SER A 45 3.99 -14.24 -18.43
C SER A 45 5.01 -13.10 -18.48
N GLY A 46 6.14 -13.35 -19.11
CA GLY A 46 7.18 -12.35 -19.21
C GLY A 46 8.40 -12.83 -19.96
N GLY A 1 -17.06 6.97 18.58
CA GLY A 1 -18.43 6.92 19.05
C GLY A 1 -19.41 6.56 17.96
N SER A 2 -20.26 7.51 17.59
CA SER A 2 -21.26 7.28 16.55
C SER A 2 -20.70 7.62 15.17
N SER A 3 -20.03 8.77 15.08
CA SER A 3 -19.45 9.22 13.82
C SER A 3 -18.55 8.14 13.22
N GLY A 4 -19.08 7.41 12.26
CA GLY A 4 -18.31 6.36 11.61
C GLY A 4 -17.95 6.69 10.18
N SER A 5 -16.98 7.58 10.01
CA SER A 5 -16.55 7.99 8.68
C SER A 5 -15.05 8.30 8.66
N SER A 6 -14.52 8.58 7.48
CA SER A 6 -13.11 8.89 7.33
C SER A 6 -12.91 10.30 6.80
N GLY A 7 -11.65 10.73 6.74
CA GLY A 7 -11.34 12.07 6.24
C GLY A 7 -10.18 12.70 6.97
N ALA A 8 -10.29 12.79 8.30
CA ALA A 8 -9.24 13.38 9.12
C ALA A 8 -8.38 12.31 9.77
N GLY A 9 -7.44 11.76 9.01
CA GLY A 9 -6.57 10.73 9.54
C GLY A 9 -5.10 11.02 9.29
N LYS A 10 -4.27 10.76 10.29
CA LYS A 10 -2.84 11.01 10.18
C LYS A 10 -2.31 10.51 8.84
N LYS A 11 -2.80 9.35 8.40
CA LYS A 11 -2.37 8.77 7.13
C LYS A 11 -2.59 9.76 5.99
N LEU A 12 -1.89 9.53 4.87
CA LEU A 12 -2.01 10.39 3.71
C LEU A 12 -2.15 9.58 2.43
N PHE A 13 -1.49 8.43 2.39
CA PHE A 13 -1.54 7.55 1.24
C PHE A 13 -1.75 6.10 1.65
N LYS A 14 -2.45 5.34 0.81
CA LYS A 14 -2.72 3.94 1.09
C LYS A 14 -2.47 3.08 -0.14
N CYS A 15 -1.75 1.98 0.05
CA CYS A 15 -1.44 1.07 -1.05
C CYS A 15 -2.50 -0.03 -1.16
N ASN A 16 -3.39 0.12 -2.13
CA ASN A 16 -4.45 -0.85 -2.34
C ASN A 16 -3.91 -2.09 -3.04
N GLU A 17 -2.80 -2.61 -2.55
CA GLU A 17 -2.17 -3.80 -3.12
C GLU A 17 -1.81 -4.80 -2.04
N CYS A 18 -1.22 -4.31 -0.95
CA CYS A 18 -0.82 -5.16 0.17
C CYS A 18 -1.51 -4.72 1.45
N LYS A 19 -2.08 -3.52 1.45
CA LYS A 19 -2.78 -2.99 2.61
C LYS A 19 -1.78 -2.56 3.69
N LYS A 20 -0.80 -1.75 3.29
CA LYS A 20 0.21 -1.26 4.22
C LYS A 20 0.69 0.13 3.81
N THR A 21 1.14 0.91 4.79
CA THR A 21 1.63 2.25 4.54
C THR A 21 2.98 2.48 5.21
N PHE A 22 3.53 3.68 5.05
CA PHE A 22 4.81 4.03 5.64
C PHE A 22 4.79 5.46 6.17
N THR A 23 5.63 5.72 7.17
CA THR A 23 5.72 7.05 7.77
C THR A 23 6.60 7.97 6.93
N GLN A 24 6.90 7.55 5.71
CA GLN A 24 7.75 8.34 4.81
C GLN A 24 7.24 8.26 3.38
N SER A 25 6.79 9.40 2.85
CA SER A 25 6.27 9.46 1.49
C SER A 25 7.17 8.68 0.54
N SER A 26 8.48 8.72 0.81
CA SER A 26 9.45 8.03 -0.04
C SER A 26 9.37 6.52 0.16
N SER A 27 9.04 6.11 1.39
CA SER A 27 8.94 4.69 1.72
C SER A 27 7.88 4.01 0.85
N LEU A 28 6.72 4.65 0.74
CA LEU A 28 5.62 4.10 -0.07
C LEU A 28 5.99 4.09 -1.55
N THR A 29 6.53 5.22 -2.04
CA THR A 29 6.93 5.33 -3.43
C THR A 29 7.83 4.17 -3.85
N VAL A 30 8.98 4.07 -3.20
CA VAL A 30 9.93 3.00 -3.51
C VAL A 30 9.32 1.63 -3.25
N HIS A 31 8.30 1.59 -2.39
CA HIS A 31 7.63 0.34 -2.06
C HIS A 31 6.63 -0.03 -3.15
N GLN A 32 6.03 0.97 -3.77
CA GLN A 32 5.05 0.74 -4.84
C GLN A 32 5.66 -0.08 -5.97
N ARG A 33 6.96 0.08 -6.17
CA ARG A 33 7.67 -0.65 -7.23
C ARG A 33 7.47 -2.15 -7.08
N ILE A 34 7.46 -2.62 -5.84
CA ILE A 34 7.27 -4.04 -5.56
C ILE A 34 6.06 -4.59 -6.30
N HIS A 35 5.07 -3.73 -6.51
CA HIS A 35 3.84 -4.12 -7.20
C HIS A 35 3.95 -3.84 -8.70
N THR A 36 4.89 -2.98 -9.07
CA THR A 36 5.10 -2.62 -10.47
C THR A 36 5.76 -3.76 -11.22
N GLY A 37 6.72 -4.43 -10.58
CA GLY A 37 7.41 -5.53 -11.22
C GLY A 37 8.90 -5.51 -10.93
N GLU A 38 9.35 -4.52 -10.17
CA GLU A 38 10.75 -4.40 -9.82
C GLU A 38 11.39 -5.77 -9.64
N LYS A 39 12.62 -5.92 -10.12
CA LYS A 39 13.35 -7.18 -10.01
C LYS A 39 13.45 -7.63 -8.55
N PRO A 40 13.33 -8.93 -8.32
CA PRO A 40 13.40 -9.52 -6.98
C PRO A 40 14.82 -9.46 -6.40
N SER A 41 14.90 -9.17 -5.10
CA SER A 41 16.19 -9.07 -4.43
C SER A 41 16.02 -9.23 -2.92
N GLY A 42 16.93 -9.98 -2.30
CA GLY A 42 16.86 -10.19 -0.87
C GLY A 42 17.67 -11.40 -0.43
N PRO A 43 18.43 -11.23 0.67
CA PRO A 43 19.27 -12.31 1.21
C PRO A 43 18.45 -13.43 1.83
N SER A 44 17.47 -13.05 2.67
CA SER A 44 16.61 -14.03 3.32
C SER A 44 17.44 -15.13 3.97
N SER A 45 18.54 -14.75 4.60
CA SER A 45 19.42 -15.71 5.26
C SER A 45 18.62 -16.69 6.09
N GLY A 46 18.89 -17.99 5.89
CA GLY A 46 18.19 -19.02 6.63
C GLY A 46 16.69 -18.77 6.69
N GLY A 1 -24.81 6.44 12.11
CA GLY A 1 -25.57 7.62 12.51
C GLY A 1 -25.02 8.90 11.90
N SER A 2 -24.21 9.61 12.67
CA SER A 2 -23.62 10.86 12.20
C SER A 2 -22.93 10.67 10.85
N SER A 3 -21.91 9.82 10.84
CA SER A 3 -21.16 9.55 9.61
C SER A 3 -21.01 8.05 9.40
N GLY A 4 -21.12 7.63 8.13
CA GLY A 4 -20.99 6.22 7.80
C GLY A 4 -19.54 5.79 7.67
N SER A 5 -18.88 6.28 6.61
CA SER A 5 -17.49 5.92 6.36
C SER A 5 -16.63 7.19 6.24
N SER A 6 -15.48 7.18 6.92
CA SER A 6 -14.57 8.31 6.89
C SER A 6 -13.57 8.19 5.75
N GLY A 7 -12.75 7.15 5.81
CA GLY A 7 -11.76 6.93 4.77
C GLY A 7 -10.34 7.14 5.27
N ALA A 8 -9.93 8.40 5.35
CA ALA A 8 -8.59 8.75 5.81
C ALA A 8 -8.65 9.66 7.04
N GLY A 9 -7.90 9.29 8.07
CA GLY A 9 -7.88 10.09 9.29
C GLY A 9 -6.50 10.61 9.62
N LYS A 10 -5.65 9.74 10.17
CA LYS A 10 -4.29 10.12 10.54
C LYS A 10 -3.33 9.87 9.37
N LYS A 11 -3.55 8.76 8.67
CA LYS A 11 -2.69 8.40 7.53
C LYS A 11 -2.86 9.41 6.40
N LEU A 12 -1.88 9.43 5.49
CA LEU A 12 -1.91 10.35 4.36
C LEU A 12 -1.79 9.58 3.05
N PHE A 13 -1.32 8.34 3.12
CA PHE A 13 -1.16 7.51 1.94
C PHE A 13 -1.71 6.11 2.18
N LYS A 14 -2.27 5.51 1.14
CA LYS A 14 -2.84 4.17 1.24
C LYS A 14 -2.48 3.34 0.02
N CYS A 15 -1.74 2.25 0.25
CA CYS A 15 -1.32 1.37 -0.84
C CYS A 15 -2.45 0.39 -1.20
N ASN A 16 -3.06 0.60 -2.36
CA ASN A 16 -4.14 -0.24 -2.83
C ASN A 16 -3.59 -1.54 -3.43
N GLU A 17 -2.62 -2.14 -2.76
CA GLU A 17 -2.01 -3.38 -3.22
C GLU A 17 -1.87 -4.38 -2.09
N CYS A 18 -1.33 -3.93 -0.96
CA CYS A 18 -1.14 -4.79 0.20
C CYS A 18 -1.65 -4.12 1.47
N LYS A 19 -2.18 -2.90 1.31
CA LYS A 19 -2.71 -2.14 2.44
C LYS A 19 -1.62 -1.84 3.45
N LYS A 20 -0.53 -1.23 2.98
CA LYS A 20 0.58 -0.87 3.84
C LYS A 20 0.89 0.61 3.75
N THR A 21 1.52 1.15 4.78
CA THR A 21 1.88 2.57 4.82
C THR A 21 3.31 2.77 5.27
N PHE A 22 3.83 3.98 5.09
CA PHE A 22 5.20 4.30 5.48
C PHE A 22 5.29 5.71 6.04
N THR A 23 5.93 5.85 7.20
CA THR A 23 6.08 7.15 7.84
C THR A 23 6.24 8.26 6.80
N GLN A 24 6.92 7.94 5.70
CA GLN A 24 7.13 8.91 4.64
C GLN A 24 6.61 8.39 3.31
N SER A 25 6.40 9.30 2.37
CA SER A 25 5.89 8.93 1.05
C SER A 25 6.96 8.20 0.24
N SER A 26 8.15 8.77 0.20
CA SER A 26 9.26 8.16 -0.54
C SER A 26 9.38 6.67 -0.22
N SER A 27 9.28 6.33 1.06
CA SER A 27 9.39 4.96 1.50
C SER A 27 8.31 4.09 0.84
N LEU A 28 7.13 4.68 0.64
CA LEU A 28 6.02 3.96 0.02
C LEU A 28 6.24 3.83 -1.48
N THR A 29 6.63 4.92 -2.12
CA THR A 29 6.87 4.93 -3.56
C THR A 29 7.70 3.73 -3.98
N VAL A 30 8.90 3.63 -3.43
CA VAL A 30 9.81 2.52 -3.75
C VAL A 30 9.16 1.18 -3.43
N HIS A 31 8.31 1.16 -2.41
CA HIS A 31 7.61 -0.06 -2.00
C HIS A 31 6.55 -0.44 -3.02
N GLN A 32 6.07 0.55 -3.76
CA GLN A 32 5.04 0.31 -4.77
C GLN A 32 5.61 -0.43 -5.97
N ARG A 33 6.87 -0.15 -6.30
CA ARG A 33 7.53 -0.80 -7.42
C ARG A 33 7.47 -2.32 -7.28
N ILE A 34 7.66 -2.81 -6.07
CA ILE A 34 7.61 -4.24 -5.80
C ILE A 34 6.37 -4.88 -6.40
N HIS A 35 5.23 -4.22 -6.20
CA HIS A 35 3.96 -4.73 -6.73
C HIS A 35 3.92 -4.62 -8.25
N THR A 36 4.56 -3.59 -8.78
CA THR A 36 4.60 -3.38 -10.22
C THR A 36 5.72 -4.19 -10.87
N GLY A 37 5.89 -5.43 -10.41
CA GLY A 37 6.92 -6.28 -10.95
C GLY A 37 6.87 -7.69 -10.40
N GLU A 38 6.47 -7.81 -9.15
CA GLU A 38 6.37 -9.12 -8.50
C GLU A 38 5.88 -10.18 -9.48
N LYS A 39 6.52 -11.34 -9.45
CA LYS A 39 6.15 -12.44 -10.35
C LYS A 39 5.00 -13.25 -9.76
N PRO A 40 4.12 -13.74 -10.64
CA PRO A 40 2.96 -14.55 -10.24
C PRO A 40 3.36 -15.92 -9.72
N SER A 41 3.70 -15.99 -8.43
CA SER A 41 4.10 -17.25 -7.81
C SER A 41 3.33 -17.49 -6.52
N GLY A 42 2.49 -18.51 -6.51
CA GLY A 42 1.71 -18.83 -5.33
C GLY A 42 2.57 -19.38 -4.21
N PRO A 43 2.50 -18.73 -3.03
CA PRO A 43 3.26 -19.14 -1.85
C PRO A 43 2.76 -20.46 -1.26
N SER A 44 1.70 -21.01 -1.86
CA SER A 44 1.12 -22.26 -1.39
C SER A 44 1.43 -23.39 -2.37
N SER A 45 1.62 -24.59 -1.83
CA SER A 45 1.92 -25.76 -2.65
C SER A 45 0.75 -26.73 -2.67
N GLY A 46 -0.16 -26.53 -3.62
CA GLY A 46 -1.32 -27.39 -3.73
C GLY A 46 -2.44 -27.00 -2.78
N GLY A 1 -19.31 12.38 16.74
CA GLY A 1 -18.21 11.47 16.46
C GLY A 1 -18.35 10.77 15.13
N SER A 2 -17.25 10.21 14.64
CA SER A 2 -17.25 9.51 13.36
C SER A 2 -16.60 8.14 13.49
N SER A 3 -17.25 7.13 12.93
CA SER A 3 -16.73 5.76 12.98
C SER A 3 -16.61 5.18 11.58
N GLY A 4 -15.41 4.68 11.26
CA GLY A 4 -15.17 4.10 9.95
C GLY A 4 -13.72 3.72 9.74
N SER A 5 -13.45 2.42 9.78
CA SER A 5 -12.09 1.93 9.59
C SER A 5 -11.50 2.44 8.27
N SER A 6 -12.14 2.06 7.17
CA SER A 6 -11.68 2.46 5.85
C SER A 6 -12.12 3.90 5.53
N GLY A 7 -11.17 4.83 5.62
CA GLY A 7 -11.49 6.23 5.35
C GLY A 7 -10.26 7.04 5.01
N ALA A 8 -10.19 8.25 5.53
CA ALA A 8 -9.06 9.13 5.27
C ALA A 8 -8.91 10.17 6.37
N GLY A 9 -7.74 10.21 7.00
CA GLY A 9 -7.50 11.16 8.06
C GLY A 9 -6.10 11.04 8.65
N LYS A 10 -6.01 10.41 9.82
CA LYS A 10 -4.73 10.22 10.49
C LYS A 10 -3.69 9.68 9.52
N LYS A 11 -4.14 8.89 8.55
CA LYS A 11 -3.24 8.32 7.56
C LYS A 11 -2.90 9.32 6.47
N LEU A 12 -1.73 9.16 5.87
CA LEU A 12 -1.30 10.08 4.81
C LEU A 12 -1.03 9.31 3.52
N PHE A 13 -0.73 8.02 3.65
CA PHE A 13 -0.45 7.17 2.49
C PHE A 13 -1.21 5.84 2.60
N LYS A 14 -1.76 5.40 1.47
CA LYS A 14 -2.51 4.15 1.43
C LYS A 14 -2.15 3.35 0.19
N CYS A 15 -1.48 2.21 0.39
CA CYS A 15 -1.09 1.35 -0.71
C CYS A 15 -2.25 0.46 -1.16
N ASN A 16 -2.69 0.66 -2.40
CA ASN A 16 -3.78 -0.13 -2.95
C ASN A 16 -3.29 -1.46 -3.51
N GLU A 17 -2.29 -2.03 -2.85
CA GLU A 17 -1.72 -3.31 -3.29
C GLU A 17 -1.59 -4.27 -2.12
N CYS A 18 -1.15 -3.76 -0.98
CA CYS A 18 -0.99 -4.57 0.22
C CYS A 18 -1.65 -3.91 1.43
N LYS A 19 -2.42 -2.86 1.17
CA LYS A 19 -3.11 -2.14 2.23
C LYS A 19 -2.16 -1.80 3.37
N LYS A 20 -1.04 -1.16 3.02
CA LYS A 20 -0.05 -0.77 4.01
C LYS A 20 0.41 0.66 3.79
N THR A 21 1.04 1.25 4.80
CA THR A 21 1.53 2.63 4.71
C THR A 21 2.98 2.72 5.16
N PHE A 22 3.62 3.84 4.84
CA PHE A 22 5.01 4.06 5.20
C PHE A 22 5.19 5.41 5.89
N THR A 23 5.99 5.42 6.96
CA THR A 23 6.24 6.65 7.71
C THR A 23 6.33 7.85 6.78
N GLN A 24 6.92 7.63 5.60
CA GLN A 24 7.07 8.71 4.62
C GLN A 24 6.55 8.27 3.25
N SER A 25 6.36 9.24 2.36
CA SER A 25 5.86 8.96 1.02
C SER A 25 6.95 8.33 0.16
N SER A 26 8.12 8.98 0.12
CA SER A 26 9.24 8.48 -0.67
C SER A 26 9.44 6.99 -0.45
N SER A 27 9.29 6.55 0.80
CA SER A 27 9.47 5.15 1.15
C SER A 27 8.36 4.29 0.53
N LEU A 28 7.17 4.88 0.41
CA LEU A 28 6.03 4.18 -0.17
C LEU A 28 6.21 3.98 -1.67
N THR A 29 6.62 5.03 -2.36
CA THR A 29 6.85 4.97 -3.79
C THR A 29 7.77 3.81 -4.17
N VAL A 30 8.96 3.80 -3.56
CA VAL A 30 9.93 2.75 -3.83
C VAL A 30 9.35 1.37 -3.51
N HIS A 31 8.34 1.34 -2.65
CA HIS A 31 7.70 0.09 -2.27
C HIS A 31 6.51 -0.21 -3.18
N GLN A 32 6.07 0.79 -3.93
CA GLN A 32 4.94 0.63 -4.85
C GLN A 32 5.31 -0.29 -6.01
N ARG A 33 6.57 -0.23 -6.43
CA ARG A 33 7.05 -1.05 -7.53
C ARG A 33 7.19 -2.51 -7.10
N ILE A 34 7.41 -2.72 -5.81
CA ILE A 34 7.55 -4.07 -5.27
C ILE A 34 6.45 -4.99 -5.78
N HIS A 35 5.24 -4.46 -5.86
CA HIS A 35 4.10 -5.24 -6.34
C HIS A 35 4.10 -5.32 -7.87
N THR A 36 4.63 -4.29 -8.51
CA THR A 36 4.70 -4.25 -9.97
C THR A 36 6.14 -4.33 -10.45
N GLY A 37 6.93 -5.19 -9.82
CA GLY A 37 8.32 -5.35 -10.21
C GLY A 37 8.97 -6.56 -9.57
N GLU A 38 8.14 -7.52 -9.16
CA GLU A 38 8.64 -8.74 -8.54
C GLU A 38 8.11 -9.98 -9.25
N LYS A 39 8.99 -10.95 -9.46
CA LYS A 39 8.61 -12.19 -10.14
C LYS A 39 7.28 -12.71 -9.61
N PRO A 40 6.47 -13.30 -10.50
CA PRO A 40 5.16 -13.86 -10.14
C PRO A 40 5.28 -15.11 -9.28
N SER A 41 4.14 -15.60 -8.80
CA SER A 41 4.13 -16.80 -7.96
C SER A 41 4.95 -17.91 -8.59
N GLY A 42 4.81 -18.08 -9.90
CA GLY A 42 5.55 -19.12 -10.61
C GLY A 42 6.93 -19.34 -10.02
N PRO A 43 7.93 -18.61 -10.55
CA PRO A 43 9.31 -18.72 -10.10
C PRO A 43 9.50 -18.14 -8.70
N SER A 44 9.32 -18.98 -7.68
CA SER A 44 9.47 -18.56 -6.31
C SER A 44 10.85 -18.90 -5.77
N SER A 45 11.27 -20.15 -6.01
CA SER A 45 12.58 -20.62 -5.56
C SER A 45 13.65 -19.57 -5.85
N GLY A 46 13.80 -19.21 -7.12
CA GLY A 46 14.80 -18.23 -7.50
C GLY A 46 16.15 -18.50 -6.89
N GLY A 1 -23.94 8.29 8.38
CA GLY A 1 -23.85 9.24 7.29
C GLY A 1 -22.90 10.38 7.59
N SER A 2 -23.16 11.54 6.98
CA SER A 2 -22.32 12.72 7.18
C SER A 2 -20.85 12.38 6.96
N SER A 3 -20.60 11.61 5.90
CA SER A 3 -19.22 11.21 5.56
C SER A 3 -18.38 12.43 5.21
N GLY A 4 -17.78 13.04 6.23
CA GLY A 4 -16.94 14.21 6.02
C GLY A 4 -15.62 14.11 6.74
N SER A 5 -14.54 14.38 6.01
CA SER A 5 -13.19 14.33 6.60
C SER A 5 -12.60 15.72 6.73
N SER A 6 -12.87 16.38 7.85
CA SER A 6 -12.37 17.72 8.10
C SER A 6 -11.17 17.69 9.04
N GLY A 7 -9.98 17.56 8.46
CA GLY A 7 -8.77 17.52 9.27
C GLY A 7 -8.69 16.28 10.13
N ALA A 8 -7.65 16.19 10.96
CA ALA A 8 -7.46 15.05 11.83
C ALA A 8 -7.16 13.78 11.03
N GLY A 9 -6.36 13.94 9.98
CA GLY A 9 -6.01 12.80 9.15
C GLY A 9 -4.96 11.91 9.79
N LYS A 10 -5.35 10.68 10.12
CA LYS A 10 -4.45 9.73 10.74
C LYS A 10 -3.39 9.25 9.75
N LYS A 11 -3.84 8.83 8.57
CA LYS A 11 -2.93 8.34 7.54
C LYS A 11 -2.81 9.37 6.41
N LEU A 12 -1.73 9.25 5.63
CA LEU A 12 -1.49 10.17 4.52
C LEU A 12 -1.17 9.40 3.25
N PHE A 13 -0.54 8.24 3.41
CA PHE A 13 -0.17 7.41 2.28
C PHE A 13 -0.55 5.95 2.51
N LYS A 14 -1.23 5.35 1.54
CA LYS A 14 -1.66 3.96 1.65
C LYS A 14 -1.43 3.22 0.34
N CYS A 15 -1.07 1.94 0.44
CA CYS A 15 -0.82 1.11 -0.73
C CYS A 15 -2.10 0.43 -1.21
N ASN A 16 -2.44 0.65 -2.48
CA ASN A 16 -3.64 0.06 -3.06
C ASN A 16 -3.37 -1.37 -3.53
N GLU A 17 -2.44 -2.04 -2.87
CA GLU A 17 -2.09 -3.41 -3.22
C GLU A 17 -1.96 -4.29 -1.98
N CYS A 18 -1.36 -3.73 -0.94
CA CYS A 18 -1.18 -4.46 0.32
C CYS A 18 -1.68 -3.63 1.51
N LYS A 19 -2.53 -2.64 1.21
CA LYS A 19 -3.08 -1.78 2.25
C LYS A 19 -2.04 -1.48 3.33
N LYS A 20 -0.83 -1.13 2.89
CA LYS A 20 0.25 -0.81 3.81
C LYS A 20 0.59 0.67 3.75
N THR A 21 1.12 1.20 4.85
CA THR A 21 1.50 2.60 4.93
C THR A 21 2.95 2.77 5.34
N PHE A 22 3.46 3.99 5.24
CA PHE A 22 4.84 4.28 5.60
C PHE A 22 4.98 5.70 6.15
N THR A 23 5.78 5.84 7.20
CA THR A 23 6.00 7.15 7.83
C THR A 23 6.00 8.26 6.79
N GLN A 24 6.59 7.98 5.63
CA GLN A 24 6.65 8.97 4.55
C GLN A 24 6.19 8.36 3.23
N SER A 25 5.95 9.22 2.24
CA SER A 25 5.50 8.76 0.94
C SER A 25 6.64 8.11 0.16
N SER A 26 7.78 8.79 0.11
CA SER A 26 8.95 8.28 -0.60
C SER A 26 9.11 6.78 -0.35
N SER A 27 8.87 6.35 0.88
CA SER A 27 8.99 4.95 1.24
C SER A 27 7.96 4.11 0.51
N LEU A 28 6.73 4.60 0.46
CA LEU A 28 5.65 3.89 -0.22
C LEU A 28 5.95 3.72 -1.70
N THR A 29 6.41 4.79 -2.33
CA THR A 29 6.73 4.77 -3.75
C THR A 29 7.75 3.67 -4.06
N VAL A 30 8.91 3.74 -3.43
CA VAL A 30 9.96 2.74 -3.63
C VAL A 30 9.42 1.33 -3.41
N HIS A 31 8.40 1.22 -2.56
CA HIS A 31 7.80 -0.08 -2.27
C HIS A 31 6.65 -0.37 -3.22
N GLN A 32 6.13 0.67 -3.85
CA GLN A 32 5.02 0.52 -4.78
C GLN A 32 5.49 -0.14 -6.08
N ARG A 33 6.80 -0.22 -6.26
CA ARG A 33 7.37 -0.82 -7.46
C ARG A 33 7.58 -2.32 -7.26
N ILE A 34 7.43 -2.78 -6.02
CA ILE A 34 7.62 -4.18 -5.71
C ILE A 34 6.49 -5.03 -6.31
N HIS A 35 5.25 -4.55 -6.17
CA HIS A 35 4.11 -5.26 -6.71
C HIS A 35 4.09 -5.21 -8.23
N THR A 36 4.76 -4.21 -8.79
CA THR A 36 4.83 -4.04 -10.23
C THR A 36 5.92 -4.91 -10.85
N GLY A 37 6.07 -6.12 -10.31
CA GLY A 37 7.08 -7.03 -10.82
C GLY A 37 7.12 -8.33 -10.06
N GLU A 38 6.93 -8.25 -8.74
CA GLU A 38 6.94 -9.45 -7.89
C GLU A 38 5.58 -10.13 -7.91
N LYS A 39 5.59 -11.46 -7.80
CA LYS A 39 4.36 -12.24 -7.79
C LYS A 39 3.39 -11.74 -8.86
N PRO A 40 3.88 -11.65 -10.11
CA PRO A 40 3.07 -11.19 -11.25
C PRO A 40 1.98 -12.20 -11.63
N SER A 41 0.80 -12.03 -11.04
CA SER A 41 -0.31 -12.93 -11.32
C SER A 41 -1.19 -12.37 -12.44
N GLY A 42 -2.24 -13.10 -12.78
CA GLY A 42 -3.13 -12.67 -13.84
C GLY A 42 -3.96 -11.47 -13.44
N PRO A 43 -3.85 -10.38 -14.21
CA PRO A 43 -4.59 -9.14 -13.93
C PRO A 43 -6.08 -9.30 -14.22
N SER A 44 -6.49 -10.50 -14.59
CA SER A 44 -7.89 -10.77 -14.89
C SER A 44 -8.81 -9.94 -14.01
N SER A 45 -8.59 -10.03 -12.70
CA SER A 45 -9.41 -9.29 -11.73
C SER A 45 -9.62 -7.86 -12.20
N GLY A 46 -10.78 -7.30 -11.85
CA GLY A 46 -11.09 -5.94 -12.24
C GLY A 46 -11.95 -5.23 -11.22
N GLY A 1 -21.02 -1.43 15.64
CA GLY A 1 -20.25 -0.49 14.84
C GLY A 1 -18.97 -0.07 15.52
N SER A 2 -18.81 1.24 15.72
CA SER A 2 -17.61 1.77 16.37
C SER A 2 -16.37 1.00 15.92
N SER A 3 -16.30 0.70 14.62
CA SER A 3 -15.16 -0.03 14.07
C SER A 3 -14.23 0.90 13.32
N GLY A 4 -14.78 1.68 12.40
CA GLY A 4 -13.98 2.61 11.62
C GLY A 4 -14.58 2.89 10.26
N SER A 5 -15.52 3.83 10.22
CA SER A 5 -16.18 4.19 8.98
C SER A 5 -15.17 4.52 7.90
N SER A 6 -14.33 5.54 8.16
CA SER A 6 -13.32 5.95 7.21
C SER A 6 -11.96 6.08 7.90
N GLY A 7 -10.90 5.70 7.18
CA GLY A 7 -9.56 5.79 7.74
C GLY A 7 -8.81 7.02 7.27
N ALA A 8 -8.91 8.09 8.05
CA ALA A 8 -8.24 9.35 7.71
C ALA A 8 -7.72 10.05 8.96
N GLY A 9 -6.92 11.08 8.77
CA GLY A 9 -6.38 11.83 9.89
C GLY A 9 -4.88 11.62 10.05
N LYS A 10 -4.50 10.51 10.68
CA LYS A 10 -3.09 10.21 10.90
C LYS A 10 -2.47 9.63 9.63
N LYS A 11 -3.28 8.94 8.83
CA LYS A 11 -2.82 8.34 7.60
C LYS A 11 -2.67 9.38 6.49
N LEU A 12 -1.58 9.30 5.75
CA LEU A 12 -1.32 10.24 4.66
C LEU A 12 -1.19 9.51 3.33
N PHE A 13 -0.56 8.34 3.36
CA PHE A 13 -0.37 7.54 2.16
C PHE A 13 -0.68 6.08 2.42
N LYS A 14 -1.40 5.45 1.48
CA LYS A 14 -1.78 4.06 1.62
C LYS A 14 -1.54 3.30 0.31
N CYS A 15 -1.18 2.03 0.42
CA CYS A 15 -0.92 1.20 -0.75
C CYS A 15 -2.17 0.40 -1.14
N ASN A 16 -2.72 0.71 -2.31
CA ASN A 16 -3.91 0.04 -2.81
C ASN A 16 -3.54 -1.30 -3.45
N GLU A 17 -2.59 -2.00 -2.85
CA GLU A 17 -2.14 -3.29 -3.37
C GLU A 17 -2.01 -4.32 -2.25
N CYS A 18 -1.46 -3.88 -1.12
CA CYS A 18 -1.28 -4.75 0.03
C CYS A 18 -1.76 -4.08 1.31
N LYS A 19 -2.56 -3.03 1.16
CA LYS A 19 -3.10 -2.30 2.30
C LYS A 19 -2.00 -1.99 3.31
N LYS A 20 -0.93 -1.34 2.83
CA LYS A 20 0.18 -0.98 3.70
C LYS A 20 0.43 0.52 3.67
N THR A 21 0.95 1.06 4.77
CA THR A 21 1.23 2.48 4.87
C THR A 21 2.69 2.74 5.22
N PHE A 22 3.18 3.92 4.90
CA PHE A 22 4.56 4.29 5.18
C PHE A 22 4.65 5.68 5.80
N THR A 23 5.34 5.78 6.93
CA THR A 23 5.50 7.06 7.61
C THR A 23 5.56 8.22 6.63
N GLN A 24 6.17 7.97 5.47
CA GLN A 24 6.30 9.00 4.44
C GLN A 24 5.85 8.46 3.08
N SER A 25 5.85 9.33 2.09
CA SER A 25 5.44 8.95 0.74
C SER A 25 6.58 8.29 -0.01
N SER A 26 7.72 8.97 -0.07
CA SER A 26 8.89 8.44 -0.75
C SER A 26 9.09 6.96 -0.45
N SER A 27 8.93 6.60 0.83
CA SER A 27 9.09 5.22 1.26
C SER A 27 8.04 4.32 0.59
N LEU A 28 6.81 4.82 0.54
CA LEU A 28 5.72 4.06 -0.07
C LEU A 28 6.02 3.72 -1.52
N THR A 29 6.42 4.73 -2.28
CA THR A 29 6.74 4.54 -3.70
C THR A 29 7.76 3.41 -3.88
N VAL A 30 8.93 3.58 -3.31
CA VAL A 30 9.99 2.57 -3.40
C VAL A 30 9.44 1.18 -3.09
N HIS A 31 8.40 1.13 -2.28
CA HIS A 31 7.78 -0.14 -1.91
C HIS A 31 6.79 -0.61 -2.98
N GLN A 32 6.01 0.34 -3.50
CA GLN A 32 5.02 0.03 -4.52
C GLN A 32 5.69 -0.55 -5.77
N ARG A 33 6.96 -0.19 -5.98
CA ARG A 33 7.70 -0.68 -7.13
C ARG A 33 7.77 -2.20 -7.13
N ILE A 34 7.80 -2.79 -5.94
CA ILE A 34 7.86 -4.24 -5.81
C ILE A 34 6.66 -4.90 -6.46
N HIS A 35 5.50 -4.28 -6.32
CA HIS A 35 4.27 -4.81 -6.92
C HIS A 35 4.26 -4.60 -8.43
N THR A 36 4.90 -3.52 -8.88
CA THR A 36 4.96 -3.21 -10.30
C THR A 36 5.82 -4.21 -11.05
N GLY A 37 7.06 -4.38 -10.60
CA GLY A 37 7.97 -5.31 -11.24
C GLY A 37 9.42 -5.02 -10.91
N GLU A 38 9.78 -5.14 -9.63
CA GLU A 38 11.14 -4.89 -9.19
C GLU A 38 11.61 -5.97 -8.23
N LYS A 39 12.94 -6.14 -8.13
CA LYS A 39 13.51 -7.14 -7.25
C LYS A 39 12.66 -7.33 -6.00
N PRO A 40 11.78 -8.35 -6.04
CA PRO A 40 10.89 -8.65 -4.91
C PRO A 40 11.64 -9.21 -3.71
N SER A 41 12.93 -9.50 -3.89
CA SER A 41 13.76 -10.03 -2.83
C SER A 41 14.56 -8.93 -2.15
N GLY A 42 15.23 -9.27 -1.05
CA GLY A 42 16.03 -8.30 -0.34
C GLY A 42 17.52 -8.51 -0.52
N PRO A 43 18.28 -7.41 -0.57
CA PRO A 43 19.73 -7.46 -0.74
C PRO A 43 20.45 -8.01 0.49
N SER A 44 21.71 -8.37 0.33
CA SER A 44 22.50 -8.92 1.43
C SER A 44 22.68 -7.88 2.53
N SER A 45 21.94 -8.04 3.62
CA SER A 45 22.01 -7.12 4.74
C SER A 45 21.32 -7.69 5.97
N GLY A 46 21.60 -7.11 7.13
CA GLY A 46 20.99 -7.58 8.36
C GLY A 46 19.56 -7.14 8.51
N GLY A 1 -27.45 2.51 2.94
CA GLY A 1 -26.23 3.26 2.74
C GLY A 1 -24.98 2.43 2.97
N SER A 2 -23.88 3.10 3.29
CA SER A 2 -22.62 2.40 3.54
C SER A 2 -22.49 2.03 5.00
N SER A 3 -22.72 0.75 5.31
CA SER A 3 -22.64 0.26 6.68
C SER A 3 -21.31 0.67 7.32
N GLY A 4 -20.23 0.53 6.56
CA GLY A 4 -18.92 0.88 7.08
C GLY A 4 -18.32 2.07 6.35
N SER A 5 -17.50 2.84 7.06
CA SER A 5 -16.86 4.02 6.48
C SER A 5 -15.34 3.89 6.51
N SER A 6 -14.69 4.36 5.45
CA SER A 6 -13.24 4.30 5.35
C SER A 6 -12.58 5.37 6.20
N GLY A 7 -11.79 4.94 7.18
CA GLY A 7 -11.12 5.89 8.05
C GLY A 7 -10.39 6.98 7.28
N ALA A 8 -9.11 6.74 7.00
CA ALA A 8 -8.30 7.70 6.26
C ALA A 8 -8.31 9.06 6.95
N GLY A 9 -8.18 9.04 8.27
CA GLY A 9 -8.17 10.29 9.02
C GLY A 9 -6.77 10.76 9.35
N LYS A 10 -6.02 9.95 10.07
CA LYS A 10 -4.65 10.28 10.45
C LYS A 10 -3.69 9.99 9.31
N LYS A 11 -3.83 8.81 8.70
CA LYS A 11 -2.98 8.41 7.59
C LYS A 11 -3.03 9.44 6.46
N LEU A 12 -1.98 9.46 5.65
CA LEU A 12 -1.90 10.39 4.53
C LEU A 12 -1.81 9.64 3.20
N PHE A 13 -1.24 8.44 3.24
CA PHE A 13 -1.09 7.62 2.05
C PHE A 13 -1.49 6.18 2.32
N LYS A 14 -2.08 5.54 1.32
CA LYS A 14 -2.52 4.15 1.44
C LYS A 14 -2.17 3.35 0.20
N CYS A 15 -1.61 2.16 0.40
CA CYS A 15 -1.23 1.30 -0.72
C CYS A 15 -2.38 0.38 -1.11
N ASN A 16 -2.92 0.59 -2.30
CA ASN A 16 -4.03 -0.23 -2.79
C ASN A 16 -3.53 -1.55 -3.35
N GLU A 17 -2.56 -2.14 -2.67
CA GLU A 17 -1.98 -3.41 -3.10
C GLU A 17 -1.82 -4.36 -1.92
N CYS A 18 -1.28 -3.85 -0.82
CA CYS A 18 -1.07 -4.64 0.38
C CYS A 18 -1.51 -3.88 1.62
N LYS A 19 -2.39 -2.90 1.44
CA LYS A 19 -2.90 -2.10 2.55
C LYS A 19 -1.78 -1.74 3.51
N LYS A 20 -0.62 -1.37 2.96
CA LYS A 20 0.53 -1.00 3.77
C LYS A 20 0.83 0.49 3.63
N THR A 21 1.52 1.05 4.63
CA THR A 21 1.88 2.46 4.60
C THR A 21 3.29 2.68 5.17
N PHE A 22 3.79 3.90 5.02
CA PHE A 22 5.12 4.23 5.53
C PHE A 22 5.16 5.66 6.04
N THR A 23 5.79 5.86 7.20
CA THR A 23 5.89 7.18 7.80
C THR A 23 6.24 8.23 6.75
N GLN A 24 6.99 7.83 5.74
CA GLN A 24 7.39 8.74 4.67
C GLN A 24 6.82 8.29 3.33
N SER A 25 6.55 9.25 2.45
CA SER A 25 6.00 8.95 1.14
C SER A 25 7.01 8.20 0.28
N SER A 26 8.24 8.71 0.25
CA SER A 26 9.30 8.08 -0.54
C SER A 26 9.35 6.58 -0.30
N SER A 27 9.21 6.19 0.96
CA SER A 27 9.24 4.78 1.34
C SER A 27 8.13 4.01 0.62
N LEU A 28 6.98 4.64 0.48
CA LEU A 28 5.83 4.01 -0.19
C LEU A 28 6.12 3.80 -1.66
N THR A 29 6.58 4.85 -2.34
CA THR A 29 6.89 4.78 -3.76
C THR A 29 7.85 3.63 -4.05
N VAL A 30 9.04 3.70 -3.46
CA VAL A 30 10.05 2.66 -3.65
C VAL A 30 9.51 1.29 -3.27
N HIS A 31 8.39 1.29 -2.55
CA HIS A 31 7.77 0.03 -2.12
C HIS A 31 6.73 -0.43 -3.13
N GLN A 32 6.11 0.52 -3.82
CA GLN A 32 5.09 0.21 -4.82
C GLN A 32 5.71 -0.54 -6.00
N ARG A 33 6.87 -0.08 -6.44
CA ARG A 33 7.56 -0.70 -7.56
C ARG A 33 7.59 -2.22 -7.41
N ILE A 34 7.51 -2.69 -6.17
CA ILE A 34 7.53 -4.12 -5.89
C ILE A 34 6.31 -4.81 -6.48
N HIS A 35 5.14 -4.25 -6.22
CA HIS A 35 3.89 -4.81 -6.73
C HIS A 35 3.82 -4.69 -8.24
N THR A 36 4.31 -3.56 -8.76
CA THR A 36 4.30 -3.32 -10.20
C THR A 36 5.21 -4.29 -10.93
N GLY A 37 6.36 -4.58 -10.34
CA GLY A 37 7.31 -5.50 -10.95
C GLY A 37 6.95 -6.95 -10.71
N GLU A 38 5.65 -7.25 -10.71
CA GLU A 38 5.18 -8.61 -10.48
C GLU A 38 4.91 -9.32 -11.80
N LYS A 39 4.56 -10.60 -11.72
CA LYS A 39 4.29 -11.39 -12.91
C LYS A 39 5.16 -10.94 -14.08
N PRO A 40 6.48 -10.91 -13.85
CA PRO A 40 7.45 -10.50 -14.87
C PRO A 40 7.58 -11.53 -15.99
N SER A 41 6.82 -12.62 -15.87
CA SER A 41 6.85 -13.68 -16.88
C SER A 41 6.70 -13.10 -18.28
N GLY A 42 7.59 -13.53 -19.18
CA GLY A 42 7.52 -13.05 -20.56
C GLY A 42 8.88 -12.57 -21.05
N PRO A 43 9.80 -13.53 -21.26
CA PRO A 43 11.16 -13.22 -21.74
C PRO A 43 11.17 -12.76 -23.20
N SER A 44 9.97 -12.59 -23.76
CA SER A 44 9.85 -12.14 -25.15
C SER A 44 10.13 -10.66 -25.27
N SER A 45 11.21 -10.20 -24.65
CA SER A 45 11.60 -8.80 -24.69
C SER A 45 12.69 -8.57 -25.73
N GLY A 46 12.92 -7.30 -26.05
CA GLY A 46 13.94 -6.96 -27.04
C GLY A 46 15.34 -7.04 -26.47
N GLY A 1 -11.89 -13.83 9.15
CA GLY A 1 -10.51 -13.84 9.58
C GLY A 1 -10.08 -12.53 10.21
N SER A 2 -9.68 -11.58 9.37
CA SER A 2 -9.24 -10.27 9.85
C SER A 2 -9.80 -9.15 8.99
N SER A 3 -10.80 -8.44 9.51
CA SER A 3 -11.43 -7.35 8.78
C SER A 3 -12.11 -6.37 9.74
N GLY A 4 -11.79 -5.10 9.59
CA GLY A 4 -12.38 -4.08 10.45
C GLY A 4 -11.46 -2.90 10.68
N SER A 5 -11.17 -2.17 9.61
CA SER A 5 -10.29 -1.00 9.70
C SER A 5 -11.10 0.29 9.71
N SER A 6 -10.95 1.06 10.78
CA SER A 6 -11.66 2.33 10.92
C SER A 6 -10.75 3.41 11.50
N GLY A 7 -11.18 4.66 11.37
CA GLY A 7 -10.40 5.77 11.88
C GLY A 7 -9.26 6.15 10.95
N ALA A 8 -9.61 6.56 9.74
CA ALA A 8 -8.62 6.96 8.75
C ALA A 8 -8.63 8.47 8.54
N GLY A 9 -7.96 9.18 9.44
CA GLY A 9 -7.90 10.63 9.35
C GLY A 9 -6.48 11.16 9.38
N LYS A 10 -5.62 10.48 10.13
CA LYS A 10 -4.22 10.89 10.26
C LYS A 10 -3.41 10.38 9.09
N LYS A 11 -3.72 9.17 8.63
CA LYS A 11 -3.02 8.55 7.51
C LYS A 11 -2.80 9.56 6.39
N LEU A 12 -1.76 9.34 5.60
CA LEU A 12 -1.45 10.22 4.48
C LEU A 12 -1.27 9.44 3.19
N PHE A 13 -0.81 8.20 3.32
CA PHE A 13 -0.60 7.34 2.17
C PHE A 13 -1.13 5.93 2.43
N LYS A 14 -1.74 5.34 1.41
CA LYS A 14 -2.30 4.00 1.52
C LYS A 14 -1.98 3.16 0.28
N CYS A 15 -1.46 1.97 0.50
CA CYS A 15 -1.11 1.07 -0.60
C CYS A 15 -2.31 0.23 -1.01
N ASN A 16 -2.83 0.48 -2.21
CA ASN A 16 -3.98 -0.25 -2.72
C ASN A 16 -3.56 -1.62 -3.26
N GLU A 17 -2.58 -2.23 -2.60
CA GLU A 17 -2.07 -3.53 -3.01
C GLU A 17 -1.90 -4.45 -1.81
N CYS A 18 -1.26 -3.94 -0.76
CA CYS A 18 -1.03 -4.72 0.45
C CYS A 18 -1.50 -3.94 1.69
N LYS A 19 -2.36 -2.95 1.47
CA LYS A 19 -2.88 -2.14 2.56
C LYS A 19 -1.76 -1.75 3.53
N LYS A 20 -0.60 -1.43 2.98
CA LYS A 20 0.54 -1.04 3.80
C LYS A 20 0.73 0.47 3.77
N THR A 21 1.34 1.01 4.83
CA THR A 21 1.58 2.44 4.94
C THR A 21 3.01 2.73 5.37
N PHE A 22 3.42 3.99 5.24
CA PHE A 22 4.76 4.40 5.62
C PHE A 22 4.79 5.88 6.03
N THR A 23 5.30 6.14 7.23
CA THR A 23 5.39 7.50 7.74
C THR A 23 5.80 8.48 6.65
N GLN A 24 6.59 7.99 5.70
CA GLN A 24 7.06 8.82 4.60
C GLN A 24 6.63 8.25 3.25
N SER A 25 6.34 9.12 2.30
CA SER A 25 5.90 8.70 0.97
C SER A 25 7.00 7.91 0.26
N SER A 26 8.21 8.45 0.31
CA SER A 26 9.35 7.80 -0.34
C SER A 26 9.36 6.30 -0.07
N SER A 27 9.05 5.93 1.17
CA SER A 27 9.02 4.53 1.57
C SER A 27 7.98 3.76 0.77
N LEU A 28 6.80 4.36 0.62
CA LEU A 28 5.71 3.73 -0.13
C LEU A 28 6.04 3.66 -1.61
N THR A 29 6.36 4.80 -2.20
CA THR A 29 6.71 4.87 -3.62
C THR A 29 7.71 3.78 -3.99
N VAL A 30 8.90 3.85 -3.39
CA VAL A 30 9.93 2.86 -3.66
C VAL A 30 9.44 1.45 -3.41
N HIS A 31 8.41 1.33 -2.57
CA HIS A 31 7.85 0.03 -2.24
C HIS A 31 6.83 -0.41 -3.30
N GLN A 32 6.20 0.57 -3.95
CA GLN A 32 5.21 0.29 -4.98
C GLN A 32 5.86 -0.40 -6.17
N ARG A 33 7.07 0.03 -6.51
CA ARG A 33 7.79 -0.55 -7.65
C ARG A 33 7.76 -2.08 -7.59
N ILE A 34 7.60 -2.61 -6.38
CA ILE A 34 7.54 -4.05 -6.19
C ILE A 34 6.30 -4.65 -6.83
N HIS A 35 5.15 -4.03 -6.58
CA HIS A 35 3.89 -4.51 -7.13
C HIS A 35 3.84 -4.28 -8.64
N THR A 36 4.41 -3.17 -9.09
CA THR A 36 4.43 -2.83 -10.50
C THR A 36 5.31 -3.80 -11.29
N GLY A 37 6.44 -4.17 -10.68
CA GLY A 37 7.37 -5.09 -11.34
C GLY A 37 6.87 -6.53 -11.32
N GLU A 38 6.36 -6.96 -10.17
CA GLU A 38 5.85 -8.32 -10.02
C GLU A 38 5.10 -8.76 -11.27
N LYS A 39 5.16 -10.04 -11.57
CA LYS A 39 4.48 -10.59 -12.74
C LYS A 39 3.05 -10.06 -12.83
N PRO A 40 2.62 -9.71 -14.06
CA PRO A 40 1.28 -9.20 -14.31
C PRO A 40 0.20 -10.26 -14.13
N SER A 41 -0.99 -9.83 -13.74
CA SER A 41 -2.11 -10.75 -13.53
C SER A 41 -2.81 -11.05 -14.86
N GLY A 42 -2.02 -11.36 -15.88
CA GLY A 42 -2.58 -11.66 -17.19
C GLY A 42 -1.59 -12.32 -18.11
N PRO A 43 -0.81 -11.51 -18.84
CA PRO A 43 0.20 -12.01 -19.77
C PRO A 43 1.38 -12.66 -19.06
N SER A 44 1.26 -13.95 -18.78
CA SER A 44 2.32 -14.69 -18.11
C SER A 44 3.70 -14.23 -18.58
N SER A 45 4.67 -14.29 -17.68
CA SER A 45 6.04 -13.87 -18.00
C SER A 45 6.60 -14.71 -19.14
N GLY A 46 7.12 -14.04 -20.16
CA GLY A 46 7.68 -14.74 -21.30
C GLY A 46 7.63 -13.93 -22.57
N GLY A 1 -15.67 -3.66 4.89
CA GLY A 1 -15.18 -3.28 6.21
C GLY A 1 -14.71 -1.84 6.26
N SER A 2 -15.07 -1.14 7.33
CA SER A 2 -14.69 0.26 7.49
C SER A 2 -14.40 0.58 8.96
N SER A 3 -13.52 1.55 9.19
CA SER A 3 -13.15 1.95 10.54
C SER A 3 -14.38 2.03 11.43
N GLY A 4 -14.49 1.08 12.36
CA GLY A 4 -15.63 1.07 13.27
C GLY A 4 -15.58 2.18 14.28
N SER A 5 -16.69 2.90 14.43
CA SER A 5 -16.76 4.01 15.37
C SER A 5 -15.51 4.88 15.29
N SER A 6 -15.06 5.14 14.07
CA SER A 6 -13.86 5.95 13.85
C SER A 6 -12.73 5.50 14.76
N GLY A 7 -12.56 4.18 14.88
CA GLY A 7 -11.51 3.63 15.71
C GLY A 7 -10.19 4.35 15.52
N ALA A 8 -9.42 3.90 14.54
CA ALA A 8 -8.12 4.51 14.25
C ALA A 8 -7.94 4.74 12.75
N GLY A 9 -7.22 5.80 12.40
CA GLY A 9 -7.00 6.11 11.00
C GLY A 9 -5.84 7.08 10.81
N LYS A 10 -6.11 8.36 10.98
CA LYS A 10 -5.08 9.38 10.82
C LYS A 10 -4.06 8.97 9.77
N LYS A 11 -4.53 8.35 8.70
CA LYS A 11 -3.66 7.90 7.62
C LYS A 11 -3.60 8.94 6.50
N LEU A 12 -2.47 8.97 5.79
CA LEU A 12 -2.29 9.92 4.69
C LEU A 12 -1.86 9.20 3.42
N PHE A 13 -1.25 8.02 3.59
CA PHE A 13 -0.78 7.23 2.46
C PHE A 13 -1.17 5.77 2.62
N LYS A 14 -1.74 5.19 1.57
CA LYS A 14 -2.15 3.79 1.60
C LYS A 14 -1.77 3.10 0.29
N CYS A 15 -1.23 1.88 0.42
CA CYS A 15 -0.82 1.10 -0.74
C CYS A 15 -2.03 0.48 -1.43
N ASN A 16 -2.12 0.67 -2.74
CA ASN A 16 -3.22 0.13 -3.52
C ASN A 16 -3.04 -1.37 -3.75
N GLU A 17 -2.08 -1.96 -3.05
CA GLU A 17 -1.81 -3.39 -3.17
C GLU A 17 -1.93 -4.09 -1.83
N CYS A 18 -1.38 -3.46 -0.79
CA CYS A 18 -1.42 -4.02 0.56
C CYS A 18 -1.86 -2.97 1.57
N LYS A 19 -2.57 -1.96 1.09
CA LYS A 19 -3.06 -0.88 1.95
C LYS A 19 -2.08 -0.63 3.10
N LYS A 20 -0.82 -0.37 2.76
CA LYS A 20 0.20 -0.11 3.76
C LYS A 20 0.72 1.33 3.64
N THR A 21 1.30 1.83 4.73
CA THR A 21 1.84 3.18 4.76
C THR A 21 3.30 3.19 5.18
N PHE A 22 3.97 4.31 4.97
CA PHE A 22 5.38 4.45 5.34
C PHE A 22 5.65 5.85 5.90
N THR A 23 6.39 5.90 7.01
CA THR A 23 6.73 7.16 7.64
C THR A 23 6.92 8.26 6.61
N GLN A 24 7.53 7.90 5.48
CA GLN A 24 7.78 8.86 4.40
C GLN A 24 7.11 8.41 3.11
N SER A 25 6.63 9.37 2.33
CA SER A 25 5.95 9.08 1.07
C SER A 25 6.89 8.32 0.13
N SER A 26 8.11 8.83 -0.02
CA SER A 26 9.10 8.21 -0.90
C SER A 26 9.23 6.72 -0.58
N SER A 27 9.08 6.36 0.69
CA SER A 27 9.19 4.98 1.12
C SER A 27 8.10 4.13 0.48
N LEU A 28 6.87 4.66 0.48
CA LEU A 28 5.74 3.95 -0.09
C LEU A 28 5.91 3.76 -1.60
N THR A 29 6.32 4.83 -2.27
CA THR A 29 6.53 4.79 -3.72
C THR A 29 7.44 3.63 -4.11
N VAL A 30 8.68 3.66 -3.62
CA VAL A 30 9.65 2.62 -3.92
C VAL A 30 9.10 1.25 -3.55
N HIS A 31 8.34 1.19 -2.47
CA HIS A 31 7.75 -0.07 -2.01
C HIS A 31 6.72 -0.58 -3.02
N GLN A 32 6.08 0.34 -3.73
CA GLN A 32 5.07 -0.02 -4.71
C GLN A 32 5.69 -0.81 -5.86
N ARG A 33 6.92 -0.48 -6.21
CA ARG A 33 7.63 -1.16 -7.29
C ARG A 33 7.62 -2.67 -7.07
N ILE A 34 7.50 -3.09 -5.82
CA ILE A 34 7.47 -4.50 -5.48
C ILE A 34 6.23 -5.18 -6.06
N HIS A 35 5.09 -4.51 -5.95
CA HIS A 35 3.84 -5.05 -6.46
C HIS A 35 3.78 -4.95 -7.98
N THR A 36 4.36 -3.88 -8.52
CA THR A 36 4.37 -3.66 -9.96
C THR A 36 5.20 -4.72 -10.67
N GLY A 37 6.23 -5.22 -9.99
CA GLY A 37 7.07 -6.24 -10.57
C GLY A 37 6.63 -7.65 -10.20
N GLU A 38 5.31 -7.85 -10.14
CA GLU A 38 4.76 -9.16 -9.81
C GLU A 38 3.62 -9.53 -10.74
N LYS A 39 3.30 -10.83 -10.81
CA LYS A 39 2.24 -11.31 -11.67
C LYS A 39 1.18 -12.05 -10.86
N PRO A 40 -0.09 -11.90 -11.26
CA PRO A 40 -1.22 -12.55 -10.58
C PRO A 40 -1.22 -14.06 -10.79
N SER A 41 -1.82 -14.78 -9.85
CA SER A 41 -1.91 -16.23 -9.94
C SER A 41 -2.12 -16.68 -11.38
N GLY A 42 -1.33 -17.66 -11.81
CA GLY A 42 -1.46 -18.17 -13.17
C GLY A 42 -0.69 -19.45 -13.37
N PRO A 43 -1.29 -20.41 -14.09
CA PRO A 43 -0.67 -21.71 -14.38
C PRO A 43 0.50 -21.59 -15.35
N SER A 44 1.04 -22.73 -15.76
CA SER A 44 2.17 -22.74 -16.69
C SER A 44 3.17 -21.65 -16.34
N SER A 45 3.46 -21.50 -15.06
CA SER A 45 4.40 -20.49 -14.59
C SER A 45 5.83 -20.87 -14.96
N GLY A 46 6.72 -19.89 -14.90
CA GLY A 46 8.12 -20.15 -15.23
C GLY A 46 8.97 -20.36 -13.99
N GLY A 1 -17.08 -1.63 23.24
CA GLY A 1 -17.84 -1.79 22.02
C GLY A 1 -16.99 -2.27 20.86
N SER A 2 -17.27 -1.74 19.67
CA SER A 2 -16.52 -2.12 18.47
C SER A 2 -15.90 -0.89 17.82
N SER A 3 -15.08 -1.12 16.79
CA SER A 3 -14.41 -0.04 16.08
C SER A 3 -13.95 1.04 17.06
N GLY A 4 -13.40 0.61 18.19
CA GLY A 4 -12.93 1.56 19.18
C GLY A 4 -11.51 2.01 18.92
N SER A 5 -11.00 2.90 19.77
CA SER A 5 -9.65 3.42 19.62
C SER A 5 -8.64 2.28 19.48
N SER A 6 -8.07 2.15 18.29
CA SER A 6 -7.09 1.10 18.02
C SER A 6 -6.13 1.51 16.91
N GLY A 7 -4.85 1.22 17.11
CA GLY A 7 -3.85 1.57 16.11
C GLY A 7 -3.59 3.07 16.07
N ALA A 8 -3.41 3.59 14.85
CA ALA A 8 -3.14 5.01 14.67
C ALA A 8 -3.81 5.54 13.42
N GLY A 9 -3.72 6.85 13.20
CA GLY A 9 -4.31 7.46 12.03
C GLY A 9 -3.33 8.29 11.23
N LYS A 10 -3.46 9.61 11.32
CA LYS A 10 -2.58 10.52 10.59
C LYS A 10 -2.14 9.92 9.26
N LYS A 11 -3.03 9.15 8.64
CA LYS A 11 -2.73 8.51 7.37
C LYS A 11 -2.95 9.48 6.21
N LEU A 12 -2.06 9.42 5.21
CA LEU A 12 -2.17 10.29 4.05
C LEU A 12 -2.27 9.47 2.76
N PHE A 13 -1.46 8.43 2.67
CA PHE A 13 -1.46 7.57 1.49
C PHE A 13 -1.43 6.10 1.89
N LYS A 14 -2.14 5.27 1.13
CA LYS A 14 -2.19 3.84 1.40
C LYS A 14 -2.07 3.03 0.11
N CYS A 15 -1.38 1.89 0.20
CA CYS A 15 -1.18 1.03 -0.96
C CYS A 15 -2.43 0.21 -1.24
N ASN A 16 -2.98 0.35 -2.46
CA ASN A 16 -4.17 -0.38 -2.85
C ASN A 16 -3.81 -1.78 -3.35
N GLU A 17 -2.70 -2.31 -2.86
CA GLU A 17 -2.25 -3.64 -3.26
C GLU A 17 -2.07 -4.54 -2.04
N CYS A 18 -1.38 -4.03 -1.03
CA CYS A 18 -1.14 -4.78 0.19
C CYS A 18 -1.70 -4.05 1.41
N LYS A 19 -2.20 -2.84 1.18
CA LYS A 19 -2.77 -2.04 2.25
C LYS A 19 -1.71 -1.72 3.31
N LYS A 20 -0.61 -1.13 2.88
CA LYS A 20 0.48 -0.78 3.78
C LYS A 20 0.76 0.72 3.74
N THR A 21 1.29 1.26 4.84
CA THR A 21 1.60 2.68 4.92
C THR A 21 2.95 2.90 5.58
N PHE A 22 3.46 4.13 5.49
CA PHE A 22 4.74 4.48 6.08
C PHE A 22 4.75 5.93 6.54
N THR A 23 5.60 6.22 7.52
CA THR A 23 5.70 7.58 8.06
C THR A 23 5.90 8.60 6.94
N GLN A 24 6.65 8.20 5.91
CA GLN A 24 6.92 9.08 4.79
C GLN A 24 6.38 8.48 3.48
N SER A 25 6.38 9.28 2.43
CA SER A 25 5.89 8.82 1.13
C SER A 25 6.95 7.99 0.40
N SER A 26 8.17 8.51 0.38
CA SER A 26 9.27 7.82 -0.29
C SER A 26 9.20 6.31 -0.04
N SER A 27 8.88 5.94 1.20
CA SER A 27 8.77 4.53 1.57
C SER A 27 7.68 3.84 0.76
N LEU A 28 6.57 4.54 0.56
CA LEU A 28 5.44 3.99 -0.18
C LEU A 28 5.80 3.83 -1.66
N THR A 29 6.34 4.89 -2.24
CA THR A 29 6.73 4.87 -3.66
C THR A 29 7.69 3.72 -3.95
N VAL A 30 8.90 3.81 -3.37
CA VAL A 30 9.90 2.79 -3.57
C VAL A 30 9.33 1.39 -3.32
N HIS A 31 8.34 1.31 -2.44
CA HIS A 31 7.71 0.05 -2.11
C HIS A 31 6.76 -0.39 -3.23
N GLN A 32 6.16 0.59 -3.90
CA GLN A 32 5.23 0.31 -4.99
C GLN A 32 5.94 -0.42 -6.13
N ARG A 33 7.22 -0.12 -6.32
CA ARG A 33 8.00 -0.75 -7.38
C ARG A 33 7.94 -2.28 -7.27
N ILE A 34 7.73 -2.77 -6.05
CA ILE A 34 7.66 -4.21 -5.81
C ILE A 34 6.46 -4.82 -6.53
N HIS A 35 5.29 -4.19 -6.36
CA HIS A 35 4.07 -4.67 -7.00
C HIS A 35 4.13 -4.48 -8.51
N THR A 36 4.73 -3.38 -8.94
CA THR A 36 4.86 -3.08 -10.36
C THR A 36 5.77 -4.07 -11.05
N GLY A 37 6.80 -4.53 -10.33
CA GLY A 37 7.73 -5.49 -10.90
C GLY A 37 7.67 -6.84 -10.22
N GLU A 38 6.46 -7.34 -10.01
CA GLU A 38 6.27 -8.63 -9.35
C GLU A 38 6.16 -9.75 -10.38
N LYS A 39 6.47 -10.97 -9.95
CA LYS A 39 6.41 -12.13 -10.84
C LYS A 39 4.97 -12.65 -10.95
N PRO A 40 4.61 -13.10 -12.16
CA PRO A 40 3.27 -13.64 -12.42
C PRO A 40 3.02 -14.98 -11.73
N SER A 41 2.22 -14.96 -10.67
CA SER A 41 1.92 -16.16 -9.92
C SER A 41 0.41 -16.35 -9.78
N GLY A 42 -0.32 -16.08 -10.86
CA GLY A 42 -1.76 -16.22 -10.84
C GLY A 42 -2.39 -15.51 -9.66
N PRO A 43 -2.61 -14.20 -9.78
CA PRO A 43 -3.21 -13.39 -8.74
C PRO A 43 -4.69 -13.70 -8.52
N SER A 44 -5.08 -13.87 -7.27
CA SER A 44 -6.48 -14.18 -6.94
C SER A 44 -7.31 -12.91 -6.91
N SER A 45 -6.82 -11.88 -6.24
CA SER A 45 -7.53 -10.62 -6.14
C SER A 45 -7.72 -9.98 -7.51
N GLY A 46 -8.94 -9.52 -7.78
CA GLY A 46 -9.23 -8.90 -9.06
C GLY A 46 -10.48 -8.04 -9.02
N GLY A 1 -19.75 -5.21 14.17
CA GLY A 1 -18.63 -4.30 14.01
C GLY A 1 -17.42 -4.96 13.40
N SER A 2 -17.10 -4.59 12.16
CA SER A 2 -15.96 -5.16 11.47
C SER A 2 -14.78 -4.19 11.46
N SER A 3 -15.03 -2.97 10.98
CA SER A 3 -14.00 -1.95 10.91
C SER A 3 -14.55 -0.59 11.33
N GLY A 4 -13.64 0.34 11.60
CA GLY A 4 -14.07 1.67 12.01
C GLY A 4 -13.31 2.17 13.23
N SER A 5 -12.13 2.72 13.02
CA SER A 5 -11.32 3.23 14.12
C SER A 5 -10.87 4.66 13.84
N SER A 6 -11.67 5.63 14.31
CA SER A 6 -11.36 7.04 14.11
C SER A 6 -10.87 7.67 15.41
N GLY A 7 -9.56 7.93 15.48
CA GLY A 7 -8.99 8.53 16.67
C GLY A 7 -7.47 8.52 16.66
N ALA A 8 -6.90 7.32 16.82
CA ALA A 8 -5.45 7.17 16.82
C ALA A 8 -4.97 6.44 15.57
N GLY A 9 -4.90 7.16 14.46
CA GLY A 9 -4.46 6.56 13.22
C GLY A 9 -4.09 7.60 12.17
N LYS A 10 -2.88 8.13 12.26
CA LYS A 10 -2.42 9.14 11.31
C LYS A 10 -2.05 8.50 9.97
N LYS A 11 -2.80 8.86 8.94
CA LYS A 11 -2.55 8.32 7.61
C LYS A 11 -2.51 9.44 6.57
N LEU A 12 -1.63 9.29 5.58
CA LEU A 12 -1.49 10.29 4.53
C LEU A 12 -1.45 9.63 3.15
N PHE A 13 -0.86 8.44 3.09
CA PHE A 13 -0.75 7.71 1.84
C PHE A 13 -1.13 6.24 2.04
N LYS A 14 -1.79 5.66 1.04
CA LYS A 14 -2.21 4.27 1.10
C LYS A 14 -1.78 3.52 -0.15
N CYS A 15 -1.26 2.31 0.03
CA CYS A 15 -0.82 1.48 -1.08
C CYS A 15 -1.96 0.62 -1.62
N ASN A 16 -2.33 0.87 -2.88
CA ASN A 16 -3.41 0.12 -3.51
C ASN A 16 -2.91 -1.22 -4.03
N GLU A 17 -2.07 -1.88 -3.23
CA GLU A 17 -1.52 -3.17 -3.62
C GLU A 17 -1.58 -4.15 -2.45
N CYS A 18 -1.17 -3.70 -1.27
CA CYS A 18 -1.18 -4.53 -0.08
C CYS A 18 -1.86 -3.82 1.09
N LYS A 19 -2.53 -2.72 0.78
CA LYS A 19 -3.23 -1.94 1.80
C LYS A 19 -2.30 -1.61 2.96
N LYS A 20 -1.09 -1.16 2.64
CA LYS A 20 -0.11 -0.81 3.67
C LYS A 20 0.18 0.69 3.65
N THR A 21 0.82 1.18 4.71
CA THR A 21 1.16 2.59 4.81
C THR A 21 2.61 2.77 5.24
N PHE A 22 3.14 3.97 5.02
CA PHE A 22 4.52 4.28 5.38
C PHE A 22 4.62 5.67 6.02
N THR A 23 5.64 5.85 6.86
CA THR A 23 5.84 7.12 7.54
C THR A 23 5.80 8.28 6.54
N GLN A 24 6.31 8.05 5.34
CA GLN A 24 6.33 9.07 4.30
C GLN A 24 5.96 8.49 2.95
N SER A 25 5.90 9.34 1.93
CA SER A 25 5.55 8.91 0.59
C SER A 25 6.75 8.27 -0.10
N SER A 26 7.86 9.00 -0.16
CA SER A 26 9.07 8.51 -0.78
C SER A 26 9.28 7.02 -0.50
N SER A 27 8.99 6.63 0.74
CA SER A 27 9.14 5.24 1.15
C SER A 27 8.04 4.37 0.54
N LEU A 28 6.81 4.84 0.60
CA LEU A 28 5.67 4.11 0.05
C LEU A 28 5.83 3.91 -1.45
N THR A 29 6.08 5.00 -2.17
CA THR A 29 6.25 4.94 -3.61
C THR A 29 7.26 3.86 -4.00
N VAL A 30 8.43 3.89 -3.38
CA VAL A 30 9.48 2.92 -3.65
C VAL A 30 9.08 1.53 -3.14
N HIS A 31 8.01 1.48 -2.36
CA HIS A 31 7.53 0.21 -1.81
C HIS A 31 6.53 -0.44 -2.77
N GLN A 32 5.74 0.38 -3.45
CA GLN A 32 4.75 -0.13 -4.39
C GLN A 32 5.40 -0.94 -5.50
N ARG A 33 6.57 -0.48 -5.94
CA ARG A 33 7.30 -1.17 -7.01
C ARG A 33 7.51 -2.64 -6.66
N ILE A 34 7.72 -2.92 -5.38
CA ILE A 34 7.93 -4.28 -4.93
C ILE A 34 6.81 -5.21 -5.40
N HIS A 35 5.58 -4.71 -5.32
CA HIS A 35 4.41 -5.49 -5.75
C HIS A 35 4.43 -5.71 -7.26
N THR A 36 4.90 -4.70 -7.99
CA THR A 36 4.97 -4.77 -9.44
C THR A 36 6.06 -5.74 -9.89
N GLY A 37 7.22 -5.66 -9.25
CA GLY A 37 8.32 -6.54 -9.60
C GLY A 37 8.03 -7.99 -9.27
N GLU A 38 7.44 -8.23 -8.11
CA GLU A 38 7.11 -9.58 -7.68
C GLU A 38 6.07 -10.22 -8.61
N LYS A 39 5.76 -11.49 -8.36
CA LYS A 39 4.79 -12.20 -9.17
C LYS A 39 3.40 -12.11 -8.56
N PRO A 40 2.38 -11.89 -9.41
CA PRO A 40 0.99 -11.77 -8.97
C PRO A 40 0.42 -13.11 -8.50
N SER A 41 -0.68 -13.05 -7.76
CA SER A 41 -1.32 -14.25 -7.23
C SER A 41 -2.15 -14.93 -8.32
N GLY A 42 -2.72 -16.09 -7.97
CA GLY A 42 -3.53 -16.82 -8.92
C GLY A 42 -4.90 -16.20 -9.11
N PRO A 43 -5.89 -17.03 -9.48
CA PRO A 43 -7.26 -16.58 -9.70
C PRO A 43 -7.96 -16.19 -8.40
N SER A 44 -8.73 -15.09 -8.46
CA SER A 44 -9.45 -14.61 -7.28
C SER A 44 -10.79 -15.32 -7.13
N SER A 45 -11.42 -15.62 -8.26
CA SER A 45 -12.72 -16.30 -8.26
C SER A 45 -13.55 -15.86 -7.05
N GLY A 46 -13.54 -14.56 -6.78
CA GLY A 46 -14.30 -14.04 -5.66
C GLY A 46 -14.64 -12.56 -5.83
#